data_2N24
#
_entry.id   2N24
#
_entity_poly.entity_id   1
_entity_poly.type   'polypeptide(L)'
_entity_poly.pdbx_seq_one_letter_code
;(PCA)WCQPGYAYNPVLGICTITLSRIEHPGNYDY
;
_entity_poly.pdbx_strand_id   A
#
# COMPACT_ATOMS: atom_id res chain seq x y z
N PCA A 1 -5.86 9.78 7.15
CA PCA A 1 -4.51 9.20 7.32
CB PCA A 1 -4.74 7.77 7.80
CG PCA A 1 -6.25 7.59 7.82
CD PCA A 1 -6.73 8.83 7.44
OE PCA A 1 -7.94 9.06 7.39
C PCA A 1 -3.81 9.19 6.12
O PCA A 1 -4.01 8.24 5.32
H1 PCA A 1 -6.07 10.71 6.86
HA PCA A 1 -3.95 9.76 8.06
HB2 PCA A 1 -4.28 7.05 7.12
HB3 PCA A 1 -4.34 7.64 8.82
HG2 PCA A 1 -6.60 7.32 8.82
HG3 PCA A 1 -6.55 6.83 7.10
N TRP A 2 -2.97 10.18 5.89
CA TRP A 2 -2.19 10.25 4.66
C TRP A 2 -1.17 9.12 4.60
N CYS A 3 -1.11 8.44 3.46
CA CYS A 3 -0.19 7.33 3.27
C CYS A 3 0.78 7.61 2.13
N GLN A 4 1.97 7.04 2.22
CA GLN A 4 2.99 7.24 1.20
C GLN A 4 2.81 6.24 0.06
N PRO A 5 3.51 6.42 -1.04
CA PRO A 5 3.42 5.49 -2.20
C PRO A 5 3.79 4.07 -1.82
N GLY A 6 3.04 3.11 -2.35
CA GLY A 6 3.30 1.70 -2.08
C GLY A 6 2.71 1.28 -0.74
N TYR A 7 2.07 2.21 -0.06
CA TYR A 7 1.44 1.93 1.24
C TYR A 7 -0.04 2.25 1.20
N ALA A 8 -0.76 1.77 2.20
CA ALA A 8 -2.19 2.02 2.28
C ALA A 8 -2.61 2.13 3.74
N TYR A 9 -3.49 3.09 4.02
CA TYR A 9 -3.93 3.30 5.38
C TYR A 9 -4.40 1.99 5.99
N ASN A 10 -4.02 1.77 7.25
CA ASN A 10 -4.38 0.55 7.94
C ASN A 10 -5.24 0.88 9.18
N PRO A 11 -6.54 0.94 9.04
CA PRO A 11 -7.47 1.25 10.16
C PRO A 11 -7.48 0.15 11.21
N VAL A 12 -6.71 -0.90 10.98
CA VAL A 12 -6.66 -2.03 11.91
C VAL A 12 -5.39 -1.96 12.76
N LEU A 13 -4.42 -1.21 12.28
CA LEU A 13 -3.17 -1.05 12.99
C LEU A 13 -3.06 0.37 13.54
N GLY A 14 -3.46 1.35 12.72
CA GLY A 14 -3.43 2.75 13.14
C GLY A 14 -2.56 3.61 12.21
N ILE A 15 -1.92 2.99 11.22
CA ILE A 15 -1.08 3.73 10.28
C ILE A 15 -1.13 3.09 8.90
N CYS A 16 -0.24 3.53 8.01
CA CYS A 16 -0.20 2.98 6.67
C CYS A 16 0.77 1.82 6.61
N THR A 17 0.41 0.80 5.85
CA THR A 17 1.23 -0.39 5.69
C THR A 17 1.43 -0.71 4.23
N ILE A 18 2.53 -1.40 3.91
CA ILE A 18 2.81 -1.75 2.54
C ILE A 18 1.67 -2.57 1.96
N THR A 19 1.25 -2.20 0.76
CA THR A 19 0.15 -2.90 0.09
C THR A 19 0.69 -4.10 -0.68
N LEU A 20 -0.17 -5.10 -0.85
CA LEU A 20 0.22 -6.30 -1.57
C LEU A 20 0.60 -5.98 -3.01
N SER A 21 0.06 -4.89 -3.53
CA SER A 21 0.33 -4.49 -4.90
C SER A 21 1.84 -4.31 -5.11
N ARG A 22 2.53 -3.86 -4.07
CA ARG A 22 3.98 -3.67 -4.16
C ARG A 22 4.70 -4.99 -4.41
N ILE A 23 4.23 -6.05 -3.74
CA ILE A 23 4.85 -7.36 -3.89
C ILE A 23 5.10 -7.70 -5.36
N GLU A 24 4.19 -8.47 -5.94
CA GLU A 24 4.33 -8.86 -7.35
C GLU A 24 3.05 -8.54 -8.12
N HIS A 25 2.98 -7.34 -8.67
CA HIS A 25 1.80 -6.93 -9.42
C HIS A 25 2.20 -5.94 -10.52
N PRO A 26 2.90 -6.40 -11.52
CA PRO A 26 3.35 -5.52 -12.64
C PRO A 26 2.19 -4.77 -13.28
N GLY A 27 1.04 -5.43 -13.38
CA GLY A 27 -0.13 -4.81 -13.98
C GLY A 27 -0.56 -3.59 -13.18
N ASN A 28 -0.50 -3.70 -11.85
CA ASN A 28 -0.89 -2.59 -10.98
C ASN A 28 0.00 -1.37 -11.22
N TYR A 29 1.31 -1.62 -11.31
CA TYR A 29 2.27 -0.54 -11.54
C TYR A 29 3.15 -0.84 -12.76
N ASP A 30 2.52 -1.25 -13.86
CA ASP A 30 3.26 -1.57 -15.06
C ASP A 30 4.06 -0.36 -15.55
N TYR A 31 3.42 0.81 -15.51
CA TYR A 31 4.09 2.04 -15.94
C TYR A 31 5.53 2.07 -15.46
N PCA A 1 -5.75 9.76 7.37
CA PCA A 1 -4.38 9.20 7.53
CB PCA A 1 -4.57 7.75 8.00
CG PCA A 1 -6.08 7.55 8.02
CD PCA A 1 -6.59 8.77 7.64
OE PCA A 1 -7.81 8.96 7.56
C PCA A 1 -3.68 9.23 6.32
O PCA A 1 -3.90 8.32 5.49
H1 PCA A 1 -5.98 10.68 7.09
HA PCA A 1 -3.85 9.77 8.29
HB2 PCA A 1 -4.10 7.07 7.29
HB3 PCA A 1 -4.16 7.63 8.99
HG2 PCA A 1 -6.41 7.29 9.03
HG3 PCA A 1 -6.36 6.77 7.32
N TRP A 2 -2.83 10.24 6.13
CA TRP A 2 -2.07 10.35 4.90
C TRP A 2 -1.08 9.20 4.78
N CYS A 3 -1.06 8.56 3.61
CA CYS A 3 -0.14 7.44 3.37
C CYS A 3 0.79 7.73 2.20
N GLN A 4 1.98 7.14 2.23
CA GLN A 4 2.94 7.34 1.17
C GLN A 4 2.74 6.33 0.04
N PRO A 5 3.35 6.53 -1.10
CA PRO A 5 3.23 5.61 -2.27
C PRO A 5 3.67 4.20 -1.91
N GLY A 6 2.92 3.22 -2.41
CA GLY A 6 3.25 1.82 -2.15
C GLY A 6 2.65 1.34 -0.83
N TYR A 7 2.03 2.26 -0.09
CA TYR A 7 1.42 1.93 1.19
C TYR A 7 -0.08 2.21 1.16
N ALA A 8 -0.78 1.67 2.13
CA ALA A 8 -2.22 1.87 2.23
C ALA A 8 -2.63 2.05 3.68
N TYR A 9 -3.45 3.07 3.93
CA TYR A 9 -3.91 3.33 5.29
C TYR A 9 -4.42 2.07 5.94
N ASN A 10 -4.01 1.85 7.19
CA ASN A 10 -4.43 0.65 7.92
C ASN A 10 -5.23 1.04 9.18
N PRO A 11 -6.56 1.07 9.09
CA PRO A 11 -7.44 1.43 10.23
C PRO A 11 -7.53 0.31 11.27
N VAL A 12 -6.83 -0.78 11.02
CA VAL A 12 -6.83 -1.91 11.93
C VAL A 12 -5.55 -1.93 12.74
N LEU A 13 -4.55 -1.23 12.25
CA LEU A 13 -3.27 -1.15 12.94
C LEU A 13 -3.09 0.26 13.52
N GLY A 14 -3.43 1.28 12.72
CA GLY A 14 -3.32 2.67 13.18
C GLY A 14 -2.42 3.52 12.26
N ILE A 15 -1.90 2.91 11.20
CA ILE A 15 -1.04 3.63 10.26
C ILE A 15 -1.10 3.00 8.88
N CYS A 16 -0.25 3.47 7.97
CA CYS A 16 -0.22 2.93 6.62
C CYS A 16 0.75 1.77 6.54
N THR A 17 0.36 0.75 5.78
CA THR A 17 1.21 -0.43 5.62
C THR A 17 1.41 -0.75 4.15
N ILE A 18 2.53 -1.38 3.83
CA ILE A 18 2.83 -1.73 2.45
C ILE A 18 1.73 -2.61 1.89
N THR A 19 1.27 -2.28 0.69
CA THR A 19 0.21 -3.06 0.05
C THR A 19 0.80 -4.25 -0.68
N LEU A 20 0.09 -5.37 -0.64
CA LEU A 20 0.54 -6.58 -1.31
C LEU A 20 0.77 -6.34 -2.78
N SER A 21 0.04 -5.39 -3.34
CA SER A 21 0.18 -5.07 -4.76
C SER A 21 1.61 -4.69 -5.09
N ARG A 22 2.25 -3.96 -4.17
CA ARG A 22 3.63 -3.54 -4.37
C ARG A 22 4.54 -4.75 -4.56
N ILE A 23 4.27 -5.82 -3.81
CA ILE A 23 5.07 -7.03 -3.91
C ILE A 23 4.95 -7.66 -5.30
N GLU A 24 4.15 -8.72 -5.41
CA GLU A 24 3.96 -9.40 -6.69
C GLU A 24 2.57 -10.03 -6.76
N HIS A 25 1.55 -9.20 -6.95
CA HIS A 25 0.18 -9.68 -7.07
C HIS A 25 -0.62 -8.85 -8.06
N PRO A 26 -0.28 -8.92 -9.33
CA PRO A 26 -0.97 -8.15 -10.40
C PRO A 26 -2.45 -8.53 -10.52
N GLY A 27 -2.73 -9.81 -10.33
CA GLY A 27 -4.11 -10.30 -10.43
C GLY A 27 -5.00 -9.63 -9.39
N ASN A 28 -4.50 -9.55 -8.15
CA ASN A 28 -5.27 -8.93 -7.08
C ASN A 28 -5.50 -7.45 -7.35
N TYR A 29 -4.46 -6.79 -7.89
CA TYR A 29 -4.56 -5.37 -8.20
C TYR A 29 -4.03 -5.09 -9.61
N ASP A 30 -4.78 -5.51 -10.62
CA ASP A 30 -4.37 -5.30 -12.01
C ASP A 30 -4.26 -3.82 -12.31
N TYR A 31 -5.24 -3.05 -11.84
CA TYR A 31 -5.24 -1.60 -12.08
C TYR A 31 -3.84 -1.03 -11.84
N PCA A 1 -5.05 10.38 7.63
CA PCA A 1 -4.63 9.02 7.23
CB PCA A 1 -5.93 8.24 7.02
CG PCA A 1 -7.04 9.22 7.36
CD PCA A 1 -6.38 10.38 7.70
OE PCA A 1 -6.98 11.39 8.07
C PCA A 1 -3.89 9.05 6.05
O PCA A 1 -4.04 8.10 5.24
H1 PCA A 1 -4.45 11.16 7.81
HA PCA A 1 -4.05 8.56 8.03
HB2 PCA A 1 -6.02 7.91 5.99
HB3 PCA A 1 -5.98 7.38 7.69
HG2 PCA A 1 -7.63 8.85 8.20
HG3 PCA A 1 -7.69 9.38 6.49
N TRP A 2 -3.08 10.08 5.86
CA TRP A 2 -2.26 10.19 4.66
C TRP A 2 -1.24 9.06 4.60
N CYS A 3 -1.16 8.40 3.45
CA CYS A 3 -0.22 7.29 3.27
C CYS A 3 0.74 7.56 2.12
N GLN A 4 1.93 6.96 2.18
CA GLN A 4 2.93 7.15 1.14
C GLN A 4 2.76 6.12 0.03
N PRO A 5 3.42 6.31 -1.09
CA PRO A 5 3.36 5.37 -2.24
C PRO A 5 3.76 3.96 -1.84
N GLY A 6 3.01 2.99 -2.35
CA GLY A 6 3.31 1.59 -2.05
C GLY A 6 2.72 1.18 -0.70
N TYR A 7 2.04 2.12 -0.04
CA TYR A 7 1.42 1.84 1.27
C TYR A 7 -0.05 2.18 1.23
N ALA A 8 -0.78 1.67 2.22
CA ALA A 8 -2.22 1.92 2.31
C ALA A 8 -2.62 2.07 3.76
N TYR A 9 -3.44 3.07 4.04
CA TYR A 9 -3.91 3.31 5.41
C TYR A 9 -4.39 2.02 6.04
N ASN A 10 -4.01 1.80 7.30
CA ASN A 10 -4.41 0.60 8.02
C ASN A 10 -5.25 0.95 9.25
N PRO A 11 -6.56 1.05 9.10
CA PRO A 11 -7.48 1.39 10.22
C PRO A 11 -7.52 0.28 11.28
N VAL A 12 -6.76 -0.78 11.05
CA VAL A 12 -6.74 -1.90 11.99
C VAL A 12 -5.47 -1.87 12.83
N LEU A 13 -4.49 -1.12 12.35
CA LEU A 13 -3.23 -0.99 13.07
C LEU A 13 -3.09 0.44 13.61
N GLY A 14 -3.46 1.42 12.78
CA GLY A 14 -3.39 2.82 13.20
C GLY A 14 -2.52 3.66 12.25
N ILE A 15 -1.92 3.02 11.25
CA ILE A 15 -1.06 3.72 10.30
C ILE A 15 -1.10 3.05 8.94
N CYS A 16 -0.26 3.51 8.02
CA CYS A 16 -0.22 2.94 6.68
C CYS A 16 0.77 1.78 6.64
N THR A 17 0.40 0.75 5.89
CA THR A 17 1.26 -0.44 5.76
C THR A 17 1.46 -0.79 4.29
N ILE A 18 2.60 -1.39 3.99
CA ILE A 18 2.90 -1.77 2.63
C ILE A 18 1.74 -2.59 2.05
N THR A 19 1.39 -2.30 0.79
CA THR A 19 0.30 -3.00 0.14
C THR A 19 0.82 -4.08 -0.80
N LEU A 20 -0.09 -4.92 -1.29
CA LEU A 20 0.28 -5.98 -2.20
C LEU A 20 0.89 -5.40 -3.46
N SER A 21 0.41 -4.22 -3.84
CA SER A 21 0.91 -3.56 -5.04
C SER A 21 2.43 -3.65 -5.11
N ARG A 22 3.07 -3.70 -3.95
CA ARG A 22 4.52 -3.80 -3.88
C ARG A 22 5.01 -4.97 -4.72
N ILE A 23 4.22 -6.03 -4.79
CA ILE A 23 4.59 -7.20 -5.57
C ILE A 23 5.01 -6.80 -6.97
N GLU A 24 4.07 -6.87 -7.90
CA GLU A 24 4.35 -6.50 -9.28
C GLU A 24 3.16 -5.76 -9.90
N HIS A 25 2.43 -5.01 -9.05
CA HIS A 25 1.28 -4.26 -9.54
C HIS A 25 1.33 -2.84 -9.02
N PRO A 26 2.38 -2.11 -9.35
CA PRO A 26 2.56 -0.69 -8.91
C PRO A 26 1.47 0.21 -9.44
N GLY A 27 0.84 -0.20 -10.54
CA GLY A 27 -0.22 0.58 -11.15
C GLY A 27 -1.39 0.73 -10.19
N ASN A 28 -1.66 -0.33 -9.43
CA ASN A 28 -2.77 -0.30 -8.47
C ASN A 28 -4.07 0.06 -9.17
N TYR A 29 -4.29 -0.51 -10.35
CA TYR A 29 -5.50 -0.25 -11.11
C TYR A 29 -5.65 1.25 -11.36
N ASP A 30 -4.54 1.98 -11.31
CA ASP A 30 -4.56 3.42 -11.55
C ASP A 30 -5.58 4.09 -10.63
N TYR A 31 -5.63 3.64 -9.38
CA TYR A 31 -6.57 4.20 -8.41
C TYR A 31 -5.93 4.28 -7.03
N PCA A 1 -5.91 9.77 7.01
CA PCA A 1 -4.61 9.09 7.18
CB PCA A 1 -4.94 7.65 7.58
CG PCA A 1 -6.46 7.56 7.51
CD PCA A 1 -6.85 8.86 7.19
OE PCA A 1 -8.04 9.16 7.07
C PCA A 1 -3.88 9.10 6.00
O PCA A 1 -4.03 8.14 5.19
H1 PCA A 1 -6.05 10.73 6.78
HA PCA A 1 -4.04 9.57 7.97
HB2 PCA A 1 -4.48 6.95 6.89
HB3 PCA A 1 -4.61 7.45 8.60
HG2 PCA A 1 -6.88 7.27 8.47
HG3 PCA A 1 -6.77 6.87 6.73
N TRP A 2 -3.05 10.12 5.78
CA TRP A 2 -2.26 10.20 4.57
C TRP A 2 -1.22 9.08 4.53
N CYS A 3 -1.17 8.37 3.40
CA CYS A 3 -0.22 7.27 3.24
C CYS A 3 0.72 7.54 2.08
N GLN A 4 1.93 7.00 2.17
CA GLN A 4 2.92 7.18 1.13
C GLN A 4 2.76 6.14 0.02
N PRO A 5 3.44 6.32 -1.10
CA PRO A 5 3.37 5.36 -2.25
C PRO A 5 3.77 3.94 -1.83
N GLY A 6 3.04 2.96 -2.32
CA GLY A 6 3.34 1.57 -2.02
C GLY A 6 2.75 1.16 -0.67
N TYR A 7 2.08 2.10 0.00
CA TYR A 7 1.46 1.83 1.29
C TYR A 7 -0.03 2.16 1.26
N ALA A 8 -0.75 1.68 2.24
CA ALA A 8 -2.18 1.92 2.33
C ALA A 8 -2.61 2.06 3.79
N TYR A 9 -3.45 3.06 4.06
CA TYR A 9 -3.91 3.29 5.42
C TYR A 9 -4.39 1.99 6.04
N ASN A 10 -4.02 1.78 7.30
CA ASN A 10 -4.41 0.57 8.02
C ASN A 10 -5.26 0.92 9.26
N PRO A 11 -6.56 1.01 9.09
CA PRO A 11 -7.49 1.35 10.22
C PRO A 11 -7.53 0.26 11.28
N VAL A 12 -6.76 -0.80 11.06
CA VAL A 12 -6.73 -1.92 12.01
C VAL A 12 -5.47 -1.87 12.84
N LEU A 13 -4.48 -1.16 12.33
CA LEU A 13 -3.22 -1.02 13.04
C LEU A 13 -3.08 0.40 13.59
N GLY A 14 -3.47 1.39 12.77
CA GLY A 14 -3.41 2.78 13.18
C GLY A 14 -2.52 3.63 12.26
N ILE A 15 -1.92 3.00 11.26
CA ILE A 15 -1.05 3.72 10.31
C ILE A 15 -1.09 3.06 8.94
N CYS A 16 -0.24 3.52 8.02
CA CYS A 16 -0.19 2.96 6.69
C CYS A 16 0.78 1.80 6.64
N THR A 17 0.41 0.78 5.88
CA THR A 17 1.25 -0.41 5.73
C THR A 17 1.45 -0.75 4.27
N ILE A 18 2.57 -1.39 3.98
CA ILE A 18 2.88 -1.76 2.61
C ILE A 18 1.74 -2.57 2.02
N THR A 19 1.31 -2.20 0.82
CA THR A 19 0.24 -2.91 0.15
C THR A 19 0.77 -4.00 -0.78
N LEU A 20 -0.11 -4.88 -1.23
CA LEU A 20 0.29 -5.95 -2.13
C LEU A 20 0.77 -5.40 -3.46
N SER A 21 0.27 -4.22 -3.80
CA SER A 21 0.64 -3.58 -5.06
C SER A 21 2.14 -3.31 -5.09
N ARG A 22 2.76 -3.35 -3.91
CA ARG A 22 4.20 -3.10 -3.82
C ARG A 22 4.96 -4.03 -4.75
N ILE A 23 4.33 -5.13 -5.13
CA ILE A 23 4.97 -6.10 -6.03
C ILE A 23 5.38 -5.44 -7.34
N GLU A 24 4.51 -5.54 -8.34
CA GLU A 24 4.77 -4.95 -9.64
C GLU A 24 3.55 -4.20 -10.15
N HIS A 25 2.90 -3.46 -9.26
CA HIS A 25 1.72 -2.69 -9.64
C HIS A 25 1.80 -1.26 -9.12
N PRO A 26 2.82 -0.53 -9.51
CA PRO A 26 3.01 0.89 -9.09
C PRO A 26 2.08 1.84 -9.84
N GLY A 27 1.44 1.34 -10.88
CA GLY A 27 0.53 2.15 -11.68
C GLY A 27 -0.61 2.69 -10.84
N ASN A 28 -1.13 1.86 -9.94
CA ASN A 28 -2.22 2.25 -9.07
C ASN A 28 -1.82 3.40 -8.15
N TYR A 29 -0.57 3.36 -7.69
CA TYR A 29 -0.06 4.39 -6.80
C TYR A 29 0.86 5.36 -7.54
N ASP A 30 0.77 5.36 -8.86
CA ASP A 30 1.59 6.26 -9.66
C ASP A 30 0.97 7.65 -9.71
N TYR A 31 1.10 8.39 -8.61
CA TYR A 31 0.55 9.73 -8.53
C TYR A 31 1.66 10.77 -8.53
N PCA A 1 -6.39 9.92 6.22
CA PCA A 1 -5.06 9.40 6.62
CB PCA A 1 -5.32 8.00 7.16
CG PCA A 1 -6.83 7.80 7.04
CD PCA A 1 -7.28 8.99 6.50
OE PCA A 1 -8.47 9.18 6.28
C PCA A 1 -4.20 9.35 5.53
O PCA A 1 -4.27 8.38 4.76
H1 PCA A 1 -6.57 10.83 5.82
HA PCA A 1 -4.63 10.03 7.40
HB2 PCA A 1 -4.79 7.26 6.55
HB3 PCA A 1 -5.01 7.93 8.20
HG2 PCA A 1 -7.27 7.64 8.03
HG3 PCA A 1 -7.05 6.96 6.37
N TRP A 2 -3.34 10.36 5.38
CA TRP A 2 -2.40 10.39 4.27
C TRP A 2 -1.37 9.28 4.41
N CYS A 3 -1.16 8.53 3.32
CA CYS A 3 -0.21 7.43 3.32
C CYS A 3 0.84 7.62 2.23
N GLN A 4 2.04 7.13 2.50
CA GLN A 4 3.13 7.21 1.55
C GLN A 4 2.86 6.30 0.35
N PRO A 5 3.54 6.52 -0.73
CA PRO A 5 3.36 5.71 -1.96
C PRO A 5 3.78 4.26 -1.75
N GLY A 6 2.99 3.35 -2.31
CA GLY A 6 3.25 1.93 -2.17
C GLY A 6 2.66 1.40 -0.87
N TYR A 7 2.07 2.29 -0.08
CA TYR A 7 1.45 1.91 1.18
C TYR A 7 -0.04 2.24 1.17
N ALA A 8 -0.76 1.70 2.14
CA ALA A 8 -2.19 1.95 2.25
C ALA A 8 -2.58 2.09 3.72
N TYR A 9 -3.43 3.06 4.01
CA TYR A 9 -3.86 3.30 5.38
C TYR A 9 -4.38 2.01 5.99
N ASN A 10 -3.99 1.77 7.24
CA ASN A 10 -4.40 0.57 7.94
C ASN A 10 -5.22 0.93 9.20
N PRO A 11 -6.53 1.04 9.06
CA PRO A 11 -7.42 1.41 10.20
C PRO A 11 -7.48 0.29 11.25
N VAL A 12 -6.75 -0.79 11.00
CA VAL A 12 -6.74 -1.92 11.93
C VAL A 12 -5.48 -1.92 12.76
N LEU A 13 -4.48 -1.20 12.29
CA LEU A 13 -3.21 -1.10 12.99
C LEU A 13 -3.04 0.31 13.54
N GLY A 14 -3.40 1.31 12.74
CA GLY A 14 -3.30 2.71 13.15
C GLY A 14 -2.39 3.53 12.24
N ILE A 15 -1.79 2.89 11.22
CA ILE A 15 -0.92 3.59 10.30
C ILE A 15 -0.99 2.97 8.91
N CYS A 16 -0.13 3.42 8.01
CA CYS A 16 -0.13 2.89 6.66
C CYS A 16 0.83 1.71 6.57
N THR A 17 0.41 0.69 5.82
CA THR A 17 1.22 -0.51 5.64
C THR A 17 1.39 -0.82 4.16
N ILE A 18 2.49 -1.47 3.82
CA ILE A 18 2.76 -1.81 2.44
C ILE A 18 1.61 -2.65 1.87
N THR A 19 1.18 -2.29 0.66
CA THR A 19 0.11 -3.00 0.01
C THR A 19 0.65 -4.20 -0.76
N LEU A 20 -0.09 -5.30 -0.72
CA LEU A 20 0.32 -6.50 -1.41
C LEU A 20 0.48 -6.24 -2.90
N SER A 21 -0.30 -5.29 -3.40
CA SER A 21 -0.25 -4.94 -4.82
C SER A 21 1.15 -4.50 -5.22
N ARG A 22 1.86 -3.89 -4.28
CA ARG A 22 3.22 -3.42 -4.53
C ARG A 22 4.10 -4.57 -5.00
N ILE A 23 3.91 -5.74 -4.40
CA ILE A 23 4.70 -6.91 -4.76
C ILE A 23 4.77 -7.04 -6.28
N GLU A 24 3.88 -7.83 -6.84
CA GLU A 24 3.85 -8.04 -8.28
C GLU A 24 2.40 -8.19 -8.77
N HIS A 25 1.48 -7.46 -8.14
CA HIS A 25 0.07 -7.54 -8.53
C HIS A 25 -0.51 -6.13 -8.68
N PRO A 26 0.03 -5.34 -9.59
CA PRO A 26 -0.45 -3.95 -9.82
C PRO A 26 -1.86 -3.92 -10.40
N GLY A 27 -2.31 -5.06 -10.92
CA GLY A 27 -3.64 -5.15 -11.49
C GLY A 27 -4.71 -4.87 -10.43
N ASN A 28 -4.40 -5.17 -9.19
CA ASN A 28 -5.34 -4.95 -8.10
C ASN A 28 -6.67 -5.64 -8.39
N TYR A 29 -6.60 -6.81 -8.99
CA TYR A 29 -7.80 -7.57 -9.30
C TYR A 29 -8.75 -6.75 -10.17
N ASP A 30 -8.20 -5.76 -10.87
CA ASP A 30 -9.00 -4.90 -11.72
C ASP A 30 -10.15 -4.29 -10.94
N TYR A 31 -9.87 -3.88 -9.71
CA TYR A 31 -10.91 -3.28 -8.86
C TYR A 31 -10.30 -2.20 -7.98
N PCA A 1 -4.88 10.48 7.79
CA PCA A 1 -4.48 9.11 7.40
CB PCA A 1 -5.80 8.34 7.25
CG PCA A 1 -6.88 9.31 7.69
CD PCA A 1 -6.19 10.48 7.95
OE PCA A 1 -6.78 11.50 8.32
C PCA A 1 -3.79 9.12 6.20
O PCA A 1 -3.98 8.18 5.40
H1 PCA A 1 -4.27 11.26 7.92
HA PCA A 1 -3.88 8.66 8.18
HB2 PCA A 1 -5.94 8.05 6.20
HB3 PCA A 1 -5.79 7.46 7.90
HG2 PCA A 1 -7.37 8.94 8.59
HG3 PCA A 1 -7.61 9.46 6.89
N TRP A 2 -2.97 10.14 5.97
CA TRP A 2 -2.20 10.24 4.73
C TRP A 2 -1.20 9.09 4.64
N CYS A 3 -1.14 8.44 3.48
CA CYS A 3 -0.22 7.33 3.28
C CYS A 3 0.76 7.63 2.15
N GLN A 4 1.93 7.01 2.22
CA GLN A 4 2.95 7.20 1.21
C GLN A 4 2.79 6.19 0.07
N PRO A 5 3.48 6.38 -1.03
CA PRO A 5 3.41 5.45 -2.20
C PRO A 5 3.80 4.03 -1.83
N GLY A 6 3.05 3.07 -2.36
CA GLY A 6 3.33 1.67 -2.09
C GLY A 6 2.72 1.23 -0.75
N TYR A 7 2.08 2.17 -0.06
CA TYR A 7 1.45 1.87 1.23
C TYR A 7 -0.03 2.17 1.19
N ALA A 8 -0.75 1.68 2.18
CA ALA A 8 -2.19 1.91 2.27
C ALA A 8 -2.60 2.08 3.72
N TYR A 9 -3.46 3.05 3.96
CA TYR A 9 -3.93 3.32 5.31
C TYR A 9 -4.42 2.03 5.97
N ASN A 10 -4.02 1.85 7.22
CA ASN A 10 -4.41 0.65 7.96
C ASN A 10 -5.23 1.02 9.22
N PRO A 11 -6.54 1.01 9.13
CA PRO A 11 -7.44 1.35 10.27
C PRO A 11 -7.49 0.25 11.32
N VAL A 12 -6.75 -0.83 11.08
CA VAL A 12 -6.72 -1.95 12.01
C VAL A 12 -5.44 -1.93 12.82
N LEU A 13 -4.46 -1.18 12.32
CA LEU A 13 -3.18 -1.07 13.00
C LEU A 13 -3.03 0.34 13.56
N GLY A 14 -3.44 1.35 12.77
CA GLY A 14 -3.35 2.74 13.20
C GLY A 14 -2.50 3.61 12.26
N ILE A 15 -1.95 3.01 11.21
CA ILE A 15 -1.12 3.74 10.26
C ILE A 15 -1.18 3.09 8.89
N CYS A 16 -0.32 3.53 7.98
CA CYS A 16 -0.29 2.97 6.64
C CYS A 16 0.70 1.81 6.57
N THR A 17 0.34 0.79 5.81
CA THR A 17 1.20 -0.38 5.67
C THR A 17 1.43 -0.70 4.20
N ILE A 18 2.52 -1.41 3.91
CA ILE A 18 2.83 -1.76 2.56
C ILE A 18 1.71 -2.60 1.95
N THR A 19 1.28 -2.21 0.75
CA THR A 19 0.21 -2.93 0.07
C THR A 19 0.78 -4.09 -0.74
N LEU A 20 -0.06 -5.09 -1.00
CA LEU A 20 0.37 -6.25 -1.76
C LEU A 20 0.75 -5.84 -3.19
N SER A 21 0.19 -4.74 -3.65
CA SER A 21 0.47 -4.25 -4.99
C SER A 21 1.95 -3.92 -5.14
N ARG A 22 2.61 -3.66 -4.02
CA ARG A 22 4.04 -3.33 -4.03
C ARG A 22 4.83 -4.44 -4.71
N ILE A 23 4.37 -5.68 -4.55
CA ILE A 23 5.05 -6.82 -5.14
C ILE A 23 5.53 -6.49 -6.55
N GLU A 24 4.63 -6.61 -7.51
CA GLU A 24 4.97 -6.31 -8.90
C GLU A 24 3.80 -5.60 -9.61
N HIS A 25 3.10 -6.34 -10.47
CA HIS A 25 1.97 -5.78 -11.21
C HIS A 25 2.40 -4.53 -11.98
N PRO A 26 3.25 -4.69 -12.96
CA PRO A 26 3.76 -3.56 -13.80
C PRO A 26 2.62 -2.74 -14.40
N GLY A 27 1.54 -3.43 -14.77
CA GLY A 27 0.39 -2.76 -15.35
C GLY A 27 -0.22 -1.77 -14.37
N ASN A 28 -0.26 -2.16 -13.10
CA ASN A 28 -0.83 -1.30 -12.06
C ASN A 28 -0.03 0.00 -11.97
N TYR A 29 1.28 -0.11 -12.07
CA TYR A 29 2.14 1.08 -11.99
C TYR A 29 2.48 1.59 -13.39
N ASP A 30 1.96 0.91 -14.41
CA ASP A 30 2.21 1.30 -15.79
C ASP A 30 3.71 1.51 -16.02
N TYR A 31 4.50 0.52 -15.63
CA TYR A 31 5.95 0.60 -15.81
C TYR A 31 6.30 1.19 -17.16
N PCA A 1 -5.90 9.94 7.13
CA PCA A 1 -4.64 9.19 7.27
CB PCA A 1 -5.04 7.75 7.59
CG PCA A 1 -6.57 7.74 7.53
CD PCA A 1 -6.89 9.06 7.26
OE PCA A 1 -8.06 9.42 7.14
C PCA A 1 -3.90 9.23 6.09
O PCA A 1 -4.15 8.39 5.21
H1 PCA A 1 -6.00 10.92 6.96
HA PCA A 1 -4.05 9.61 8.09
HB2 PCA A 1 -4.62 7.07 6.84
HB3 PCA A 1 -4.70 7.47 8.58
HG2 PCA A 1 -6.98 7.43 8.48
HG3 PCA A 1 -6.91 7.09 6.72
N TRP A 2 -2.98 10.19 5.98
CA TRP A 2 -2.16 10.31 4.78
C TRP A 2 -1.17 9.15 4.69
N CYS A 3 -1.10 8.52 3.52
CA CYS A 3 -0.19 7.39 3.31
C CYS A 3 0.80 7.69 2.20
N GLN A 4 1.95 7.05 2.25
CA GLN A 4 2.96 7.24 1.23
C GLN A 4 2.78 6.24 0.08
N PRO A 5 3.47 6.42 -1.02
CA PRO A 5 3.38 5.51 -2.19
C PRO A 5 3.76 4.08 -1.83
N GLY A 6 3.02 3.13 -2.36
CA GLY A 6 3.29 1.73 -2.10
C GLY A 6 2.70 1.27 -0.77
N TYR A 7 2.04 2.21 -0.07
CA TYR A 7 1.42 1.90 1.22
C TYR A 7 -0.07 2.21 1.18
N ALA A 8 -0.79 1.70 2.17
CA ALA A 8 -2.22 1.92 2.25
C ALA A 8 -2.63 2.09 3.71
N TYR A 9 -3.47 3.08 3.96
CA TYR A 9 -3.93 3.33 5.31
C TYR A 9 -4.42 2.06 5.97
N ASN A 10 -4.01 1.85 7.22
CA ASN A 10 -4.41 0.66 7.95
C ASN A 10 -5.22 1.02 9.21
N PRO A 11 -6.54 1.02 9.13
CA PRO A 11 -7.43 1.37 10.27
C PRO A 11 -7.50 0.25 11.31
N VAL A 12 -6.76 -0.83 11.06
CA VAL A 12 -6.75 -1.95 11.97
C VAL A 12 -5.47 -1.93 12.79
N LEU A 13 -4.48 -1.21 12.29
CA LEU A 13 -3.20 -1.09 12.98
C LEU A 13 -3.05 0.32 13.55
N GLY A 14 -3.42 1.33 12.75
CA GLY A 14 -3.33 2.72 13.18
C GLY A 14 -2.46 3.58 12.25
N ILE A 15 -1.93 2.97 11.18
CA ILE A 15 -1.09 3.70 10.25
C ILE A 15 -1.16 3.06 8.86
N CYS A 16 -0.29 3.51 7.95
CA CYS A 16 -0.27 2.95 6.61
C CYS A 16 0.71 1.79 6.54
N THR A 17 0.33 0.77 5.79
CA THR A 17 1.18 -0.42 5.64
C THR A 17 1.39 -0.75 4.17
N ILE A 18 2.51 -1.39 3.86
CA ILE A 18 2.82 -1.74 2.50
C ILE A 18 1.70 -2.59 1.90
N THR A 19 1.28 -2.25 0.70
CA THR A 19 0.23 -2.98 0.02
C THR A 19 0.79 -4.16 -0.76
N LEU A 20 0.01 -5.23 -0.84
CA LEU A 20 0.45 -6.42 -1.56
C LEU A 20 0.75 -6.08 -3.01
N SER A 21 0.09 -5.06 -3.51
CA SER A 21 0.27 -4.65 -4.91
C SER A 21 1.75 -4.35 -5.19
N ARG A 22 2.43 -3.77 -4.21
CA ARG A 22 3.85 -3.44 -4.38
C ARG A 22 4.65 -4.68 -4.73
N ILE A 23 4.31 -5.81 -4.12
CA ILE A 23 5.01 -7.06 -4.39
C ILE A 23 5.36 -7.17 -5.87
N GLU A 24 4.42 -7.69 -6.64
CA GLU A 24 4.63 -7.85 -8.08
C GLU A 24 3.35 -7.57 -8.86
N HIS A 25 2.82 -6.36 -8.71
CA HIS A 25 1.59 -5.98 -9.42
C HIS A 25 1.73 -4.59 -10.02
N PRO A 26 2.52 -4.45 -11.07
CA PRO A 26 2.74 -3.14 -11.75
C PRO A 26 1.44 -2.48 -12.18
N GLY A 27 0.49 -3.30 -12.60
CA GLY A 27 -0.80 -2.79 -13.05
C GLY A 27 -1.51 -2.03 -11.93
N ASN A 28 -1.41 -2.55 -10.72
CA ASN A 28 -2.04 -1.92 -9.56
C ASN A 28 -3.53 -1.72 -9.82
N TYR A 29 -4.15 -2.68 -10.51
CA TYR A 29 -5.58 -2.59 -10.81
C TYR A 29 -5.89 -1.31 -11.58
N ASP A 30 -4.87 -0.75 -12.23
CA ASP A 30 -5.05 0.48 -12.99
C ASP A 30 -5.76 1.54 -12.16
N TYR A 31 -5.37 1.64 -10.89
CA TYR A 31 -5.97 2.62 -9.99
C TYR A 31 -5.62 4.04 -10.43
N PCA A 1 -6.01 9.72 6.90
CA PCA A 1 -4.66 9.15 7.13
CB PCA A 1 -4.89 7.72 7.61
CG PCA A 1 -6.40 7.57 7.70
CD PCA A 1 -6.89 8.79 7.27
OE PCA A 1 -8.09 9.03 7.24
C PCA A 1 -3.91 9.16 5.96
O PCA A 1 -4.11 8.25 5.13
H1 PCA A 1 -6.23 10.62 6.53
HA PCA A 1 -4.16 9.72 7.91
HB2 PCA A 1 -4.47 7.01 6.89
HB3 PCA A 1 -4.45 7.57 8.59
HG2 PCA A 1 -6.71 7.38 8.73
HG3 PCA A 1 -6.75 6.78 7.04
N TRP A 2 -3.03 10.15 5.81
CA TRP A 2 -2.19 10.23 4.61
C TRP A 2 -1.21 9.08 4.56
N CYS A 3 -1.13 8.41 3.41
CA CYS A 3 -0.22 7.28 3.25
C CYS A 3 0.78 7.54 2.13
N GLN A 4 1.96 6.95 2.27
CA GLN A 4 3.01 7.12 1.28
C GLN A 4 2.84 6.13 0.12
N PRO A 5 3.55 6.32 -0.96
CA PRO A 5 3.47 5.42 -2.15
C PRO A 5 3.82 3.97 -1.80
N GLY A 6 3.05 3.05 -2.33
CA GLY A 6 3.28 1.63 -2.08
C GLY A 6 2.68 1.19 -0.74
N TYR A 7 2.03 2.13 -0.05
CA TYR A 7 1.40 1.83 1.25
C TYR A 7 -0.08 2.14 1.20
N ALA A 8 -0.80 1.65 2.19
CA ALA A 8 -2.23 1.88 2.27
C ALA A 8 -2.65 2.06 3.73
N TYR A 9 -3.49 3.05 3.98
CA TYR A 9 -3.95 3.31 5.34
C TYR A 9 -4.43 2.04 6.00
N ASN A 10 -4.02 1.83 7.25
CA ASN A 10 -4.40 0.65 7.99
C ASN A 10 -5.21 1.02 9.25
N PRO A 11 -6.53 1.00 9.17
CA PRO A 11 -7.41 1.36 10.32
C PRO A 11 -7.46 0.25 11.37
N VAL A 12 -6.73 -0.83 11.12
CA VAL A 12 -6.70 -1.95 12.04
C VAL A 12 -5.42 -1.91 12.85
N LEU A 13 -4.44 -1.17 12.34
CA LEU A 13 -3.17 -1.04 13.03
C LEU A 13 -3.03 0.38 13.60
N GLY A 14 -3.42 1.38 12.79
CA GLY A 14 -3.35 2.78 13.21
C GLY A 14 -2.51 3.64 12.27
N ILE A 15 -1.96 3.03 11.21
CA ILE A 15 -1.14 3.77 10.25
C ILE A 15 -1.21 3.10 8.89
N CYS A 16 -0.35 3.54 7.97
CA CYS A 16 -0.32 2.96 6.63
C CYS A 16 0.66 1.82 6.58
N THR A 17 0.30 0.77 5.83
CA THR A 17 1.17 -0.39 5.68
C THR A 17 1.39 -0.72 4.22
N ILE A 18 2.51 -1.37 3.94
CA ILE A 18 2.84 -1.73 2.58
C ILE A 18 1.72 -2.57 1.97
N THR A 19 1.31 -2.21 0.76
CA THR A 19 0.24 -2.94 0.08
C THR A 19 0.81 -4.04 -0.80
N LEU A 20 -0.02 -5.00 -1.16
CA LEU A 20 0.40 -6.11 -2.00
C LEU A 20 0.84 -5.59 -3.37
N SER A 21 0.29 -4.46 -3.77
CA SER A 21 0.62 -3.87 -5.06
C SER A 21 2.13 -3.71 -5.20
N ARG A 22 2.80 -3.37 -4.10
CA ARG A 22 4.25 -3.18 -4.13
C ARG A 22 4.90 -4.22 -5.03
N ILE A 23 4.28 -5.39 -5.12
CA ILE A 23 4.82 -6.46 -5.94
C ILE A 23 3.74 -7.02 -6.88
N GLU A 24 3.30 -6.20 -7.82
CA GLU A 24 2.26 -6.62 -8.77
C GLU A 24 2.46 -5.92 -10.10
N HIS A 25 3.71 -5.87 -10.57
CA HIS A 25 4.02 -5.22 -11.83
C HIS A 25 5.48 -5.50 -12.22
N PRO A 26 5.86 -6.75 -12.27
CA PRO A 26 7.25 -7.14 -12.64
C PRO A 26 7.59 -6.79 -14.07
N GLY A 27 6.58 -6.81 -14.94
CA GLY A 27 6.78 -6.48 -16.35
C GLY A 27 7.24 -5.04 -16.50
N ASN A 28 6.61 -4.14 -15.76
CA ASN A 28 6.95 -2.72 -15.83
C ASN A 28 8.33 -2.48 -15.22
N TYR A 29 8.63 -3.20 -14.14
CA TYR A 29 9.91 -3.06 -13.46
C TYR A 29 10.72 -4.34 -13.55
N ASP A 30 11.08 -4.72 -14.78
CA ASP A 30 11.86 -5.93 -15.01
C ASP A 30 13.20 -5.83 -14.31
N TYR A 31 13.82 -4.64 -14.37
CA TYR A 31 15.10 -4.43 -13.73
C TYR A 31 16.06 -5.57 -14.06
N PCA A 1 -4.92 10.42 7.84
CA PCA A 1 -4.53 9.06 7.43
CB PCA A 1 -5.84 8.28 7.28
CG PCA A 1 -6.94 9.29 7.59
CD PCA A 1 -6.25 10.45 7.85
OE PCA A 1 -6.84 11.51 8.09
C PCA A 1 -3.84 9.07 6.22
O PCA A 1 -4.02 8.13 5.41
H1 PCA A 1 -4.31 11.17 8.07
HA PCA A 1 -3.92 8.60 8.20
HB2 PCA A 1 -5.95 7.91 6.25
HB3 PCA A 1 -5.88 7.45 7.98
HG2 PCA A 1 -7.50 8.97 8.47
HG3 PCA A 1 -7.60 9.41 6.74
N TRP A 2 -3.03 10.11 5.99
CA TRP A 2 -2.27 10.20 4.75
C TRP A 2 -1.24 9.07 4.66
N CYS A 3 -1.18 8.43 3.50
CA CYS A 3 -0.24 7.32 3.30
C CYS A 3 0.74 7.61 2.15
N GLN A 4 1.91 7.00 2.20
CA GLN A 4 2.92 7.20 1.17
C GLN A 4 2.76 6.19 0.04
N PRO A 5 3.44 6.39 -1.06
CA PRO A 5 3.37 5.45 -2.23
C PRO A 5 3.78 4.04 -1.85
N GLY A 6 3.06 3.06 -2.36
CA GLY A 6 3.36 1.66 -2.08
C GLY A 6 2.76 1.23 -0.74
N TYR A 7 2.09 2.16 -0.06
CA TYR A 7 1.47 1.87 1.23
C TYR A 7 -0.02 2.19 1.20
N ALA A 8 -0.73 1.69 2.19
CA ALA A 8 -2.17 1.93 2.29
C ALA A 8 -2.59 2.07 3.74
N TYR A 9 -3.45 3.04 4.02
CA TYR A 9 -3.90 3.28 5.39
C TYR A 9 -4.38 1.98 6.02
N ASN A 10 -4.01 1.79 7.27
CA ASN A 10 -4.40 0.57 7.99
C ASN A 10 -5.25 0.94 9.23
N PRO A 11 -6.55 1.02 9.08
CA PRO A 11 -7.48 1.37 10.20
C PRO A 11 -7.52 0.28 11.26
N VAL A 12 -6.75 -0.79 11.05
CA VAL A 12 -6.73 -1.89 12.00
C VAL A 12 -5.47 -1.84 12.84
N LEU A 13 -4.47 -1.13 12.34
CA LEU A 13 -3.21 -0.98 13.04
C LEU A 13 -3.07 0.43 13.58
N GLY A 14 -3.48 1.42 12.76
CA GLY A 14 -3.41 2.81 13.16
C GLY A 14 -2.54 3.66 12.22
N ILE A 15 -1.92 3.01 11.23
CA ILE A 15 -1.08 3.72 10.27
C ILE A 15 -1.13 3.05 8.91
N CYS A 16 -0.26 3.49 7.99
CA CYS A 16 -0.22 2.93 6.66
C CYS A 16 0.77 1.76 6.61
N THR A 17 0.41 0.75 5.85
CA THR A 17 1.26 -0.43 5.70
C THR A 17 1.46 -0.77 4.24
N ILE A 18 2.59 -1.40 3.93
CA ILE A 18 2.88 -1.77 2.56
C ILE A 18 1.74 -2.60 1.98
N THR A 19 1.33 -2.27 0.76
CA THR A 19 0.24 -2.98 0.11
C THR A 19 0.77 -4.16 -0.71
N LEU A 20 -0.14 -5.02 -1.16
CA LEU A 20 0.24 -6.19 -1.94
C LEU A 20 0.76 -5.76 -3.31
N SER A 21 0.55 -4.49 -3.65
CA SER A 21 1.00 -3.97 -4.94
C SER A 21 2.52 -4.07 -5.05
N ARG A 22 3.18 -4.06 -3.90
CA ARG A 22 4.63 -4.15 -3.87
C ARG A 22 5.09 -5.46 -4.51
N ILE A 23 4.35 -6.53 -4.25
CA ILE A 23 4.71 -7.84 -4.81
C ILE A 23 5.18 -7.70 -6.26
N GLU A 24 4.23 -7.73 -7.17
CA GLU A 24 4.54 -7.62 -8.59
C GLU A 24 3.47 -6.80 -9.33
N HIS A 25 3.29 -5.55 -8.91
CA HIS A 25 2.30 -4.69 -9.56
C HIS A 25 2.92 -3.35 -9.92
N PRO A 26 3.90 -3.33 -10.79
CA PRO A 26 4.59 -2.09 -11.23
C PRO A 26 3.64 -1.10 -11.90
N GLY A 27 2.50 -1.61 -12.35
CA GLY A 27 1.51 -0.76 -13.01
C GLY A 27 1.03 0.32 -12.06
N ASN A 28 0.83 -0.04 -10.80
CA ASN A 28 0.38 0.92 -9.80
C ASN A 28 1.41 2.02 -9.59
N TYR A 29 2.68 1.62 -9.59
CA TYR A 29 3.77 2.58 -9.40
C TYR A 29 4.04 3.35 -10.69
N ASP A 30 3.45 2.88 -11.78
CA ASP A 30 3.64 3.52 -13.08
C ASP A 30 5.11 3.58 -13.43
N TYR A 31 5.81 2.48 -13.22
CA TYR A 31 7.24 2.41 -13.53
C TYR A 31 7.63 1.01 -14.00
N PCA A 1 -6.02 9.73 6.88
CA PCA A 1 -4.69 9.14 7.10
CB PCA A 1 -4.94 7.70 7.54
CG PCA A 1 -6.44 7.51 7.41
CD PCA A 1 -6.91 8.77 7.07
OE PCA A 1 -8.11 9.00 6.95
C PCA A 1 -3.92 9.17 5.93
O PCA A 1 -4.11 8.26 5.10
H1 PCA A 1 -6.22 10.68 6.61
HA PCA A 1 -4.17 9.69 7.89
HB2 PCA A 1 -4.40 7.01 6.89
HB3 PCA A 1 -4.63 7.56 8.58
HG2 PCA A 1 -6.87 7.19 8.37
HG3 PCA A 1 -6.67 6.80 6.62
N TRP A 2 -3.04 10.15 5.80
CA TRP A 2 -2.20 10.24 4.61
C TRP A 2 -1.20 9.10 4.57
N CYS A 3 -1.13 8.42 3.42
CA CYS A 3 -0.21 7.30 3.26
C CYS A 3 0.77 7.57 2.13
N GLN A 4 1.98 7.03 2.27
CA GLN A 4 3.00 7.20 1.25
C GLN A 4 2.82 6.21 0.11
N PRO A 5 3.51 6.40 -1.00
CA PRO A 5 3.42 5.50 -2.18
C PRO A 5 3.80 4.06 -1.82
N GLY A 6 3.04 3.11 -2.35
CA GLY A 6 3.30 1.70 -2.09
C GLY A 6 2.71 1.26 -0.76
N TYR A 7 2.06 2.19 -0.07
CA TYR A 7 1.45 1.90 1.22
C TYR A 7 -0.03 2.21 1.19
N ALA A 8 -0.75 1.73 2.20
CA ALA A 8 -2.18 1.97 2.29
C ALA A 8 -2.59 2.11 3.75
N TYR A 9 -3.47 3.06 4.02
CA TYR A 9 -3.93 3.29 5.37
C TYR A 9 -4.40 1.98 6.00
N ASN A 10 -4.03 1.77 7.26
CA ASN A 10 -4.39 0.55 7.97
C ASN A 10 -5.25 0.89 9.20
N PRO A 11 -6.54 0.96 9.06
CA PRO A 11 -7.47 1.28 10.18
C PRO A 11 -7.50 0.18 11.25
N VAL A 12 -6.71 -0.87 11.03
CA VAL A 12 -6.67 -1.98 11.98
C VAL A 12 -5.40 -1.92 12.81
N LEU A 13 -4.41 -1.18 12.31
CA LEU A 13 -3.16 -1.03 13.02
C LEU A 13 -3.03 0.40 13.56
N GLY A 14 -3.45 1.37 12.75
CA GLY A 14 -3.41 2.78 13.16
C GLY A 14 -2.55 3.63 12.21
N ILE A 15 -1.91 3.00 11.23
CA ILE A 15 -1.08 3.73 10.28
C ILE A 15 -1.13 3.07 8.91
N CYS A 16 -0.26 3.53 8.00
CA CYS A 16 -0.23 2.97 6.67
C CYS A 16 0.75 1.81 6.61
N THR A 17 0.39 0.79 5.85
CA THR A 17 1.22 -0.39 5.70
C THR A 17 1.42 -0.73 4.24
N ILE A 18 2.52 -1.42 3.93
CA ILE A 18 2.81 -1.78 2.56
C ILE A 18 1.66 -2.60 1.98
N THR A 19 1.26 -2.22 0.77
CA THR A 19 0.16 -2.92 0.09
C THR A 19 0.69 -4.11 -0.70
N LEU A 20 -0.20 -5.03 -1.01
CA LEU A 20 0.17 -6.22 -1.78
C LEU A 20 0.82 -5.83 -3.10
N SER A 21 0.40 -4.69 -3.63
CA SER A 21 0.92 -4.22 -4.90
C SER A 21 2.45 -4.12 -4.85
N ARG A 22 2.99 -3.98 -3.64
CA ARG A 22 4.44 -3.88 -3.47
C ARG A 22 4.99 -5.16 -2.82
N ILE A 23 4.33 -6.28 -3.08
CA ILE A 23 4.75 -7.56 -2.54
C ILE A 23 4.81 -8.65 -3.61
N GLU A 24 3.92 -8.53 -4.58
CA GLU A 24 3.84 -9.52 -5.66
C GLU A 24 4.18 -8.91 -7.01
N HIS A 25 5.32 -9.33 -7.58
CA HIS A 25 5.76 -8.82 -8.88
C HIS A 25 6.90 -9.66 -9.44
N PRO A 26 6.71 -10.95 -9.50
CA PRO A 26 7.73 -11.89 -10.03
C PRO A 26 8.03 -11.67 -11.51
N GLY A 27 7.03 -11.17 -12.23
CA GLY A 27 7.17 -10.93 -13.66
C GLY A 27 8.19 -9.82 -13.91
N ASN A 28 8.57 -9.12 -12.86
CA ASN A 28 9.53 -8.03 -12.97
C ASN A 28 10.85 -8.56 -13.53
N TYR A 29 11.23 -9.76 -13.11
CA TYR A 29 12.47 -10.37 -13.58
C TYR A 29 12.19 -11.64 -14.38
N ASP A 30 11.13 -11.61 -15.18
CA ASP A 30 10.76 -12.76 -15.99
C ASP A 30 11.88 -13.12 -16.97
N TYR A 31 12.71 -12.13 -17.30
CA TYR A 31 13.82 -12.35 -18.22
C TYR A 31 13.31 -12.97 -19.53
N PCA A 1 -5.18 10.29 7.48
CA PCA A 1 -4.74 8.95 7.10
CB PCA A 1 -6.02 8.15 6.83
CG PCA A 1 -7.16 9.12 7.12
CD PCA A 1 -6.51 10.29 7.51
OE PCA A 1 -7.14 11.29 7.85
C PCA A 1 -3.96 8.99 5.94
O PCA A 1 -4.06 8.05 5.12
H1 PCA A 1 -4.60 11.08 7.70
HA PCA A 1 -4.18 8.49 7.91
HB2 PCA A 1 -6.06 7.83 5.79
HB3 PCA A 1 -6.09 7.29 7.50
HG2 PCA A 1 -7.78 8.74 7.94
HG3 PCA A 1 -7.75 9.29 6.23
N TRP A 2 -3.15 10.02 5.79
CA TRP A 2 -2.29 10.15 4.62
C TRP A 2 -1.26 9.03 4.58
N CYS A 3 -1.14 8.38 3.43
CA CYS A 3 -0.19 7.28 3.26
C CYS A 3 0.76 7.57 2.11
N GLN A 4 1.95 6.98 2.17
CA GLN A 4 2.95 7.19 1.13
C GLN A 4 2.79 6.16 0.02
N PRO A 5 3.45 6.34 -1.10
CA PRO A 5 3.37 5.39 -2.24
C PRO A 5 3.76 3.98 -1.83
N GLY A 6 3.03 3.00 -2.33
CA GLY A 6 3.31 1.60 -2.02
C GLY A 6 2.72 1.20 -0.67
N TYR A 7 2.06 2.14 -0.02
CA TYR A 7 1.43 1.88 1.28
C TYR A 7 -0.05 2.22 1.24
N ALA A 8 -0.77 1.72 2.23
CA ALA A 8 -2.21 1.98 2.31
C ALA A 8 -2.61 2.10 3.78
N TYR A 9 -3.46 3.09 4.05
CA TYR A 9 -3.90 3.31 5.42
C TYR A 9 -4.41 2.02 6.03
N ASN A 10 -4.03 1.79 7.28
CA ASN A 10 -4.43 0.58 7.99
C ASN A 10 -5.26 0.93 9.23
N PRO A 11 -6.56 1.05 9.09
CA PRO A 11 -7.48 1.39 10.22
C PRO A 11 -7.53 0.29 11.27
N VAL A 12 -6.77 -0.79 11.05
CA VAL A 12 -6.77 -1.90 11.98
C VAL A 12 -5.50 -1.88 12.82
N LEU A 13 -4.50 -1.16 12.33
CA LEU A 13 -3.23 -1.04 13.03
C LEU A 13 -3.08 0.38 13.58
N GLY A 14 -3.47 1.36 12.76
CA GLY A 14 -3.39 2.77 13.17
C GLY A 14 -2.49 3.61 12.25
N ILE A 15 -1.87 2.97 11.26
CA ILE A 15 -1.00 3.69 10.32
C ILE A 15 -1.06 3.04 8.94
N CYS A 16 -0.20 3.51 8.03
CA CYS A 16 -0.17 2.97 6.69
C CYS A 16 0.82 1.81 6.63
N THR A 17 0.44 0.78 5.88
CA THR A 17 1.28 -0.40 5.72
C THR A 17 1.48 -0.73 4.25
N ILE A 18 2.58 -1.39 3.95
CA ILE A 18 2.88 -1.75 2.57
C ILE A 18 1.75 -2.59 1.99
N THR A 19 1.31 -2.21 0.80
CA THR A 19 0.22 -2.93 0.14
C THR A 19 0.78 -4.05 -0.75
N LEU A 20 -0.09 -4.96 -1.15
CA LEU A 20 0.31 -6.07 -2.00
C LEU A 20 0.74 -5.58 -3.37
N SER A 21 0.29 -4.39 -3.72
CA SER A 21 0.61 -3.80 -5.01
C SER A 21 2.12 -3.71 -5.20
N ARG A 22 2.84 -3.64 -4.09
CA ARG A 22 4.30 -3.57 -4.13
C ARG A 22 4.88 -4.76 -4.87
N ILE A 23 4.24 -5.92 -4.71
CA ILE A 23 4.71 -7.14 -5.37
C ILE A 23 5.23 -6.84 -6.77
N GLU A 24 4.35 -6.95 -7.75
CA GLU A 24 4.72 -6.70 -9.14
C GLU A 24 3.64 -5.90 -9.85
N HIS A 25 2.96 -5.02 -9.11
CA HIS A 25 1.90 -4.20 -9.69
C HIS A 25 2.10 -2.73 -9.32
N PRO A 26 3.23 -2.17 -9.72
CA PRO A 26 3.56 -0.74 -9.43
C PRO A 26 2.60 0.21 -10.13
N GLY A 27 1.92 -0.29 -11.15
CA GLY A 27 0.97 0.51 -11.90
C GLY A 27 -0.14 1.02 -10.99
N ASN A 28 -0.52 0.20 -10.02
CA ASN A 28 -1.59 0.59 -9.09
C ASN A 28 -2.85 0.97 -9.86
N TYR A 29 -3.13 0.24 -10.94
CA TYR A 29 -4.32 0.50 -11.75
C TYR A 29 -4.31 1.93 -12.27
N ASP A 30 -3.13 2.56 -12.25
CA ASP A 30 -3.01 3.93 -12.72
C ASP A 30 -4.07 4.82 -12.09
N TYR A 31 -4.27 4.65 -10.78
CA TYR A 31 -5.26 5.45 -10.06
C TYR A 31 -5.19 6.91 -10.49
N PCA A 1 -5.19 10.34 7.51
CA PCA A 1 -4.72 8.99 7.14
CB PCA A 1 -5.98 8.17 6.89
CG PCA A 1 -7.13 9.11 7.17
CD PCA A 1 -6.51 10.31 7.50
OE PCA A 1 -7.15 11.31 7.79
C PCA A 1 -3.93 9.03 5.99
O PCA A 1 -4.00 8.06 5.20
H1 PCA A 1 -4.61 11.13 7.72
HA PCA A 1 -4.14 8.55 7.96
HB2 PCA A 1 -6.01 7.82 5.85
HB3 PCA A 1 -6.02 7.32 7.58
HG2 PCA A 1 -7.73 8.76 8.01
HG3 PCA A 1 -7.75 9.24 6.28
N TRP A 2 -3.15 10.08 5.81
CA TRP A 2 -2.31 10.22 4.63
C TRP A 2 -1.27 9.08 4.60
N CYS A 3 -1.16 8.43 3.45
CA CYS A 3 -0.21 7.33 3.29
C CYS A 3 0.77 7.62 2.15
N GLN A 4 1.96 7.05 2.24
CA GLN A 4 2.97 7.24 1.22
C GLN A 4 2.79 6.23 0.08
N PRO A 5 3.47 6.43 -1.03
CA PRO A 5 3.39 5.50 -2.20
C PRO A 5 3.77 4.08 -1.84
N GLY A 6 3.02 3.12 -2.36
CA GLY A 6 3.29 1.71 -2.10
C GLY A 6 2.70 1.27 -0.76
N TYR A 7 2.07 2.21 -0.05
CA TYR A 7 1.46 1.90 1.24
C TYR A 7 -0.02 2.23 1.22
N ALA A 8 -0.74 1.73 2.21
CA ALA A 8 -2.18 1.98 2.31
C ALA A 8 -2.59 2.11 3.77
N TYR A 9 -3.42 3.10 4.05
CA TYR A 9 -3.88 3.32 5.41
C TYR A 9 -4.38 2.02 6.02
N ASN A 10 -4.00 1.80 7.28
CA ASN A 10 -4.41 0.58 7.97
C ASN A 10 -5.25 0.92 9.23
N PRO A 11 -6.56 1.04 9.06
CA PRO A 11 -7.48 1.37 10.18
C PRO A 11 -7.52 0.28 11.24
N VAL A 12 -6.76 -0.80 11.02
CA VAL A 12 -6.75 -1.92 11.95
C VAL A 12 -5.49 -1.89 12.79
N LEU A 13 -4.49 -1.18 12.28
CA LEU A 13 -3.22 -1.06 12.99
C LEU A 13 -3.09 0.35 13.55
N GLY A 14 -3.46 1.35 12.74
CA GLY A 14 -3.38 2.74 13.16
C GLY A 14 -2.49 3.59 12.23
N ILE A 15 -1.88 2.95 11.24
CA ILE A 15 -1.01 3.66 10.29
C ILE A 15 -1.06 3.01 8.91
N CYS A 16 -0.20 3.49 8.00
CA CYS A 16 -0.17 2.94 6.66
C CYS A 16 0.81 1.78 6.59
N THR A 17 0.44 0.76 5.85
CA THR A 17 1.28 -0.42 5.68
C THR A 17 1.47 -0.75 4.21
N ILE A 18 2.58 -1.40 3.90
CA ILE A 18 2.86 -1.77 2.54
C ILE A 18 1.73 -2.60 1.95
N THR A 19 1.30 -2.24 0.75
CA THR A 19 0.20 -2.95 0.10
C THR A 19 0.73 -4.11 -0.73
N LEU A 20 -0.12 -5.12 -0.92
CA LEU A 20 0.25 -6.28 -1.69
C LEU A 20 0.58 -5.87 -3.13
N SER A 21 -0.13 -4.87 -3.62
CA SER A 21 0.08 -4.40 -4.99
C SER A 21 1.51 -3.95 -5.18
N ARG A 22 2.19 -3.66 -4.08
CA ARG A 22 3.58 -3.22 -4.14
C ARG A 22 4.39 -4.24 -4.95
N ILE A 23 3.97 -5.48 -4.91
CA ILE A 23 4.68 -6.54 -5.64
C ILE A 23 4.81 -6.17 -7.11
N GLU A 24 3.81 -6.54 -7.88
CA GLU A 24 3.81 -6.26 -9.32
C GLU A 24 2.41 -5.88 -9.79
N HIS A 25 1.40 -6.17 -8.98
CA HIS A 25 0.04 -5.87 -9.33
C HIS A 25 -0.91 -6.08 -8.13
N PRO A 26 -1.99 -5.35 -8.07
CA PRO A 26 -2.99 -5.47 -6.96
C PRO A 26 -3.81 -6.76 -7.06
N GLY A 27 -4.25 -7.08 -8.27
CA GLY A 27 -5.04 -8.29 -8.50
C GLY A 27 -4.22 -9.54 -8.16
N ASN A 28 -2.95 -9.54 -8.56
CA ASN A 28 -2.08 -10.67 -8.30
C ASN A 28 -2.64 -11.95 -8.94
N TYR A 29 -2.69 -11.95 -10.26
CA TYR A 29 -3.20 -13.09 -11.01
C TYR A 29 -2.06 -13.87 -11.67
N ASP A 30 -1.18 -14.41 -10.85
CA ASP A 30 -0.04 -15.18 -11.37
C ASP A 30 -0.49 -16.58 -11.76
N TYR A 31 -1.78 -16.86 -11.58
CA TYR A 31 -2.32 -18.18 -11.92
C TYR A 31 -1.35 -19.28 -11.53
N PCA A 1 -5.88 9.81 7.17
CA PCA A 1 -4.54 9.21 7.34
CB PCA A 1 -4.79 7.77 7.78
CG PCA A 1 -6.30 7.65 7.91
CD PCA A 1 -6.77 8.90 7.53
OE PCA A 1 -7.96 9.18 7.54
C PCA A 1 -3.82 9.23 6.16
O PCA A 1 -4.02 8.31 5.33
H1 PCA A 1 -6.06 10.73 6.83
HA PCA A 1 -3.98 9.74 8.13
HB2 PCA A 1 -4.42 7.07 7.02
HB3 PCA A 1 -4.32 7.56 8.74
HG2 PCA A 1 -6.58 7.44 8.95
HG3 PCA A 1 -6.69 6.89 7.25
N TRP A 2 -2.95 10.22 5.98
CA TRP A 2 -2.15 10.32 4.77
C TRP A 2 -1.16 9.15 4.68
N CYS A 3 -1.11 8.51 3.51
CA CYS A 3 -0.21 7.38 3.31
C CYS A 3 0.76 7.66 2.17
N GLN A 4 1.94 7.06 2.27
CA GLN A 4 2.96 7.24 1.26
C GLN A 4 2.76 6.24 0.12
N PRO A 5 3.43 6.44 -1.00
CA PRO A 5 3.32 5.54 -2.18
C PRO A 5 3.73 4.11 -1.84
N GLY A 6 2.99 3.15 -2.37
CA GLY A 6 3.30 1.74 -2.13
C GLY A 6 2.72 1.26 -0.79
N TYR A 7 2.05 2.17 -0.08
CA TYR A 7 1.45 1.83 1.21
C TYR A 7 -0.05 2.10 1.18
N ALA A 8 -0.75 1.58 2.17
CA ALA A 8 -2.19 1.76 2.26
C ALA A 8 -2.60 1.98 3.71
N TYR A 9 -3.47 2.96 3.94
CA TYR A 9 -3.93 3.24 5.28
C TYR A 9 -4.42 1.98 5.97
N ASN A 10 -4.01 1.81 7.22
CA ASN A 10 -4.40 0.63 7.98
C ASN A 10 -5.23 1.02 9.23
N PRO A 11 -6.54 1.01 9.13
CA PRO A 11 -7.45 1.38 10.27
C PRO A 11 -7.51 0.30 11.33
N VAL A 12 -6.77 -0.79 11.11
CA VAL A 12 -6.76 -1.89 12.06
C VAL A 12 -5.48 -1.85 12.88
N LEU A 13 -4.48 -1.13 12.36
CA LEU A 13 -3.21 -1.00 13.05
C LEU A 13 -3.08 0.42 13.60
N GLY A 14 -3.45 1.42 12.77
CA GLY A 14 -3.37 2.82 13.18
C GLY A 14 -2.51 3.66 12.24
N ILE A 15 -1.95 3.04 11.19
CA ILE A 15 -1.12 3.75 10.24
C ILE A 15 -1.17 3.08 8.88
N CYS A 16 -0.31 3.51 7.96
CA CYS A 16 -0.27 2.93 6.63
C CYS A 16 0.71 1.77 6.58
N THR A 17 0.36 0.74 5.84
CA THR A 17 1.21 -0.45 5.72
C THR A 17 1.41 -0.80 4.25
N ILE A 18 2.55 -1.42 3.96
CA ILE A 18 2.85 -1.81 2.60
C ILE A 18 1.71 -2.63 2.01
N THR A 19 1.39 -2.36 0.74
CA THR A 19 0.31 -3.07 0.06
C THR A 19 0.85 -4.25 -0.74
N LEU A 20 -0.06 -5.09 -1.22
CA LEU A 20 0.33 -6.26 -2.00
C LEU A 20 0.82 -5.85 -3.38
N SER A 21 1.05 -4.55 -3.54
CA SER A 21 1.54 -4.02 -4.81
C SER A 21 3.01 -3.59 -4.69
N ARG A 22 3.64 -3.98 -3.58
CA ARG A 22 5.05 -3.64 -3.35
C ARG A 22 5.81 -4.83 -2.75
N ILE A 23 5.11 -5.66 -1.97
CA ILE A 23 5.74 -6.81 -1.33
C ILE A 23 6.39 -7.72 -2.36
N GLU A 24 5.68 -7.99 -3.44
CA GLU A 24 6.20 -8.85 -4.50
C GLU A 24 6.64 -8.01 -5.68
N HIS A 25 7.31 -6.89 -5.40
CA HIS A 25 7.77 -5.99 -6.45
C HIS A 25 8.80 -4.99 -5.90
N PRO A 26 10.01 -5.44 -5.66
CA PRO A 26 11.09 -4.57 -5.12
C PRO A 26 11.33 -3.34 -5.99
N GLY A 27 11.21 -3.51 -7.30
CA GLY A 27 11.42 -2.40 -8.23
C GLY A 27 10.40 -1.29 -7.99
N ASN A 28 9.17 -1.67 -7.67
CA ASN A 28 8.11 -0.69 -7.41
C ASN A 28 7.88 0.19 -8.63
N TYR A 29 7.51 -0.43 -9.74
CA TYR A 29 7.26 0.30 -10.98
C TYR A 29 5.76 0.52 -11.18
N ASP A 30 5.07 0.93 -10.13
CA ASP A 30 3.63 1.17 -10.21
C ASP A 30 3.34 2.23 -11.26
N TYR A 31 4.13 3.31 -11.26
CA TYR A 31 3.94 4.39 -12.22
C TYR A 31 2.49 4.86 -12.21
N PCA A 1 -5.80 9.88 7.17
CA PCA A 1 -4.57 9.08 7.26
CB PCA A 1 -5.03 7.65 7.57
CG PCA A 1 -6.55 7.73 7.60
CD PCA A 1 -6.82 9.06 7.39
OE PCA A 1 -7.98 9.49 7.40
C PCA A 1 -3.85 9.11 6.07
O PCA A 1 -4.06 8.20 5.23
H1 PCA A 1 -5.86 10.86 6.96
HA PCA A 1 -3.95 9.45 8.08
HB2 PCA A 1 -4.70 6.96 6.79
HB3 PCA A 1 -4.66 7.33 8.54
HG2 PCA A 1 -6.93 7.42 8.58
HG3 PCA A 1 -6.99 7.11 6.82
N TRP A 2 -2.99 10.10 5.90
CA TRP A 2 -2.19 10.21 4.68
C TRP A 2 -1.18 9.06 4.61
N CYS A 3 -1.13 8.40 3.45
CA CYS A 3 -0.22 7.28 3.26
C CYS A 3 0.76 7.57 2.13
N GLN A 4 1.96 7.00 2.23
CA GLN A 4 2.97 7.19 1.20
C GLN A 4 2.81 6.19 0.06
N PRO A 5 3.50 6.39 -1.04
CA PRO A 5 3.40 5.46 -2.20
C PRO A 5 3.78 4.03 -1.82
N GLY A 6 3.02 3.07 -2.35
CA GLY A 6 3.28 1.66 -2.07
C GLY A 6 2.68 1.23 -0.73
N TYR A 7 2.02 2.17 -0.06
CA TYR A 7 1.41 1.88 1.23
C TYR A 7 -0.08 2.21 1.20
N ALA A 8 -0.80 1.73 2.20
CA ALA A 8 -2.23 1.98 2.29
C ALA A 8 -2.63 2.11 3.75
N TYR A 9 -3.50 3.08 4.03
CA TYR A 9 -3.93 3.29 5.40
C TYR A 9 -4.42 1.99 6.01
N ASN A 10 -4.04 1.77 7.27
CA ASN A 10 -4.42 0.56 7.97
C ASN A 10 -5.26 0.90 9.22
N PRO A 11 -6.56 1.00 9.07
CA PRO A 11 -7.48 1.34 10.19
C PRO A 11 -7.52 0.24 11.25
N VAL A 12 -6.75 -0.82 11.04
CA VAL A 12 -6.72 -1.94 11.98
C VAL A 12 -5.45 -1.89 12.82
N LEU A 13 -4.46 -1.16 12.32
CA LEU A 13 -3.20 -1.02 13.03
C LEU A 13 -3.06 0.40 13.57
N GLY A 14 -3.46 1.38 12.75
CA GLY A 14 -3.40 2.78 13.16
C GLY A 14 -2.53 3.63 12.22
N ILE A 15 -1.89 2.99 11.23
CA ILE A 15 -1.05 3.71 10.29
C ILE A 15 -1.11 3.06 8.91
N CYS A 16 -0.25 3.51 7.99
CA CYS A 16 -0.22 2.95 6.66
C CYS A 16 0.78 1.81 6.60
N THR A 17 0.41 0.79 5.85
CA THR A 17 1.26 -0.39 5.70
C THR A 17 1.45 -0.72 4.22
N ILE A 18 2.57 -1.39 3.91
CA ILE A 18 2.86 -1.75 2.55
C ILE A 18 1.74 -2.58 1.95
N THR A 19 1.29 -2.19 0.76
CA THR A 19 0.21 -2.90 0.09
C THR A 19 0.77 -4.04 -0.76
N LEU A 20 -0.06 -5.07 -0.99
CA LEU A 20 0.36 -6.20 -1.79
C LEU A 20 0.69 -5.77 -3.22
N SER A 21 0.20 -4.58 -3.59
CA SER A 21 0.43 -4.05 -4.93
C SER A 21 1.92 -3.84 -5.16
N ARG A 22 2.67 -3.65 -4.07
CA ARG A 22 4.10 -3.44 -4.15
C ARG A 22 4.78 -4.64 -4.79
N ILE A 23 4.31 -5.83 -4.44
CA ILE A 23 4.91 -7.05 -4.99
C ILE A 23 4.97 -7.01 -6.50
N GLU A 24 3.90 -7.44 -7.15
CA GLU A 24 3.83 -7.45 -8.61
C GLU A 24 2.55 -6.76 -9.10
N HIS A 25 1.70 -7.52 -9.80
CA HIS A 25 0.44 -6.98 -10.30
C HIS A 25 0.68 -5.95 -11.41
N PRO A 26 -0.26 -5.77 -12.32
CA PRO A 26 -0.11 -4.78 -13.44
C PRO A 26 0.44 -3.45 -12.99
N GLY A 27 0.07 -3.04 -11.80
CA GLY A 27 0.54 -1.77 -11.26
C GLY A 27 2.07 -1.71 -11.23
N ASN A 28 2.70 -2.85 -10.97
CA ASN A 28 4.16 -2.90 -10.91
C ASN A 28 4.75 -3.14 -12.31
N TYR A 29 4.04 -3.90 -13.12
CA TYR A 29 4.51 -4.20 -14.47
C TYR A 29 4.35 -3.00 -15.38
N ASP A 30 3.66 -1.98 -14.88
CA ASP A 30 3.44 -0.77 -15.66
C ASP A 30 4.70 0.09 -15.65
N TYR A 31 5.73 -0.38 -14.94
CA TYR A 31 6.99 0.35 -14.86
C TYR A 31 7.33 0.98 -16.21
N PCA A 1 -6.02 9.70 6.93
CA PCA A 1 -4.72 9.01 7.11
CB PCA A 1 -5.07 7.57 7.48
CG PCA A 1 -6.58 7.51 7.44
CD PCA A 1 -6.97 8.80 7.16
OE PCA A 1 -8.16 9.13 7.12
C PCA A 1 -3.97 9.04 5.93
O PCA A 1 -4.15 8.15 5.09
H1 PCA A 1 -6.15 10.66 6.68
HA PCA A 1 -4.16 9.49 7.92
HB2 PCA A 1 -4.62 6.88 6.75
HB3 PCA A 1 -4.71 7.34 8.48
HG2 PCA A 1 -6.97 7.19 8.41
HG3 PCA A 1 -6.91 6.83 6.65
N TRP A 2 -3.10 10.04 5.79
CA TRP A 2 -2.27 10.15 4.60
C TRP A 2 -1.25 9.02 4.56
N CYS A 3 -1.15 8.34 3.41
CA CYS A 3 -0.21 7.24 3.25
C CYS A 3 0.76 7.53 2.12
N GLN A 4 1.95 6.96 2.20
CA GLN A 4 2.97 7.17 1.19
C GLN A 4 2.81 6.16 0.04
N PRO A 5 3.52 6.33 -1.04
CA PRO A 5 3.43 5.39 -2.20
C PRO A 5 3.79 3.97 -1.81
N GLY A 6 3.05 3.01 -2.33
CA GLY A 6 3.31 1.61 -2.04
C GLY A 6 2.71 1.19 -0.70
N TYR A 7 2.07 2.13 -0.02
CA TYR A 7 1.44 1.86 1.27
C TYR A 7 -0.04 2.18 1.23
N ALA A 8 -0.77 1.69 2.22
CA ALA A 8 -2.19 1.94 2.30
C ALA A 8 -2.60 2.08 3.76
N TYR A 9 -3.49 3.03 4.03
CA TYR A 9 -3.93 3.25 5.41
C TYR A 9 -4.41 1.96 6.03
N ASN A 10 -4.04 1.75 7.29
CA ASN A 10 -4.41 0.55 8.01
C ASN A 10 -5.25 0.89 9.25
N PRO A 11 -6.55 0.99 9.09
CA PRO A 11 -7.48 1.33 10.20
C PRO A 11 -7.52 0.24 11.27
N VAL A 12 -6.74 -0.82 11.07
CA VAL A 12 -6.71 -1.92 12.02
C VAL A 12 -5.46 -1.87 12.87
N LEU A 13 -4.46 -1.12 12.38
CA LEU A 13 -3.21 -0.97 13.09
C LEU A 13 -3.08 0.46 13.62
N GLY A 14 -3.47 1.42 12.78
CA GLY A 14 -3.42 2.83 13.17
C GLY A 14 -2.54 3.67 12.23
N ILE A 15 -1.90 3.01 11.26
CA ILE A 15 -1.04 3.72 10.31
C ILE A 15 -1.10 3.08 8.93
N CYS A 16 -0.23 3.51 8.04
CA CYS A 16 -0.21 2.95 6.70
C CYS A 16 0.77 1.80 6.63
N THR A 17 0.41 0.78 5.88
CA THR A 17 1.25 -0.40 5.73
C THR A 17 1.45 -0.72 4.26
N ILE A 18 2.55 -1.39 3.95
CA ILE A 18 2.85 -1.73 2.57
C ILE A 18 1.71 -2.57 1.98
N THR A 19 1.29 -2.19 0.77
CA THR A 19 0.22 -2.90 0.10
C THR A 19 0.77 -4.00 -0.80
N LEU A 20 -0.11 -4.92 -1.21
CA LEU A 20 0.29 -6.02 -2.06
C LEU A 20 0.74 -5.51 -3.42
N SER A 21 0.22 -4.34 -3.80
CA SER A 21 0.57 -3.74 -5.08
C SER A 21 2.08 -3.56 -5.19
N ARG A 22 2.73 -3.24 -4.07
CA ARG A 22 4.17 -3.05 -4.07
C ARG A 22 4.85 -4.03 -5.01
N ILE A 23 4.25 -5.20 -5.17
CA ILE A 23 4.80 -6.22 -6.06
C ILE A 23 3.73 -6.76 -7.00
N GLU A 24 3.26 -5.91 -7.90
CA GLU A 24 2.24 -6.33 -8.86
C GLU A 24 2.44 -5.61 -10.19
N HIS A 25 3.68 -5.25 -10.49
CA HIS A 25 3.99 -4.55 -11.73
C HIS A 25 5.45 -4.78 -12.13
N PRO A 26 5.83 -6.02 -12.31
CA PRO A 26 7.22 -6.37 -12.70
C PRO A 26 7.56 -5.88 -14.11
N GLY A 27 6.54 -5.71 -14.93
CA GLY A 27 6.73 -5.25 -16.30
C GLY A 27 7.34 -3.85 -16.33
N ASN A 28 7.18 -3.13 -15.22
CA ASN A 28 7.72 -1.78 -15.11
C ASN A 28 9.23 -1.80 -15.28
N TYR A 29 9.87 -2.80 -14.68
CA TYR A 29 11.33 -2.93 -14.76
C TYR A 29 11.70 -4.26 -15.43
N ASP A 30 12.22 -5.20 -14.65
CA ASP A 30 12.61 -6.50 -15.17
C ASP A 30 12.31 -7.59 -14.16
N TYR A 31 11.28 -8.40 -14.44
CA TYR A 31 10.89 -9.46 -13.53
C TYR A 31 10.98 -9.00 -12.07
N PCA A 1 -5.90 9.69 7.09
CA PCA A 1 -4.54 9.14 7.29
CB PCA A 1 -4.74 7.71 7.78
CG PCA A 1 -6.25 7.50 7.75
CD PCA A 1 -6.75 8.72 7.35
OE PCA A 1 -7.97 8.92 7.25
C PCA A 1 -3.81 9.14 6.10
O PCA A 1 -3.97 8.18 5.32
H1 PCA A 1 -6.12 10.63 6.80
HA PCA A 1 -4.01 9.74 8.04
HB2 PCA A 1 -4.25 7.01 7.12
HB3 PCA A 1 -4.38 7.61 8.81
HG2 PCA A 1 -6.62 7.24 8.74
HG3 PCA A 1 -6.51 6.72 7.03
N TRP A 2 -3.01 10.17 5.87
CA TRP A 2 -2.21 10.25 4.65
C TRP A 2 -1.21 9.12 4.60
N CYS A 3 -1.14 8.45 3.45
CA CYS A 3 -0.22 7.33 3.27
C CYS A 3 0.76 7.60 2.13
N GLN A 4 1.94 7.00 2.22
CA GLN A 4 2.96 7.20 1.19
C GLN A 4 2.79 6.18 0.07
N PRO A 5 3.47 6.36 -1.05
CA PRO A 5 3.40 5.43 -2.21
C PRO A 5 3.79 4.01 -1.81
N GLY A 6 3.05 3.04 -2.33
CA GLY A 6 3.33 1.64 -2.03
C GLY A 6 2.73 1.21 -0.71
N TYR A 7 2.06 2.15 -0.03
CA TYR A 7 1.43 1.86 1.25
C TYR A 7 -0.05 2.18 1.21
N ALA A 8 -0.79 1.67 2.19
CA ALA A 8 -2.22 1.90 2.27
C ALA A 8 -2.64 2.07 3.72
N TYR A 9 -3.47 3.07 3.98
CA TYR A 9 -3.93 3.32 5.33
C TYR A 9 -4.43 2.05 5.99
N ASN A 10 -4.03 1.85 7.24
CA ASN A 10 -4.41 0.65 7.98
C ASN A 10 -5.24 1.02 9.24
N PRO A 11 -6.54 1.02 9.16
CA PRO A 11 -7.43 1.37 10.31
C PRO A 11 -7.48 0.26 11.36
N VAL A 12 -6.77 -0.82 11.10
CA VAL A 12 -6.74 -1.95 12.03
C VAL A 12 -5.47 -1.91 12.85
N LEU A 13 -4.48 -1.17 12.35
CA LEU A 13 -3.21 -1.05 13.03
C LEU A 13 -3.05 0.37 13.59
N GLY A 14 -3.43 1.36 12.78
CA GLY A 14 -3.35 2.76 13.21
C GLY A 14 -2.48 3.61 12.27
N ILE A 15 -1.93 3.00 11.22
CA ILE A 15 -1.10 3.73 10.27
C ILE A 15 -1.17 3.07 8.90
N CYS A 16 -0.31 3.51 7.98
CA CYS A 16 -0.28 2.95 6.65
C CYS A 16 0.71 1.80 6.59
N THR A 17 0.34 0.77 5.84
CA THR A 17 1.19 -0.42 5.69
C THR A 17 1.42 -0.75 4.23
N ILE A 18 2.54 -1.40 3.93
CA ILE A 18 2.85 -1.76 2.57
C ILE A 18 1.74 -2.61 1.96
N THR A 19 1.31 -2.24 0.76
CA THR A 19 0.25 -2.97 0.08
C THR A 19 0.83 -4.09 -0.78
N LEU A 20 -0.01 -5.06 -1.13
CA LEU A 20 0.42 -6.17 -1.95
C LEU A 20 0.77 -5.70 -3.37
N SER A 21 0.26 -4.52 -3.73
CA SER A 21 0.52 -3.97 -5.06
C SER A 21 2.01 -3.71 -5.24
N ARG A 22 2.72 -3.58 -4.13
CA ARG A 22 4.15 -3.33 -4.17
C ARG A 22 4.87 -4.44 -4.91
N ILE A 23 4.38 -5.67 -4.74
CA ILE A 23 5.00 -6.83 -5.38
C ILE A 23 4.92 -6.69 -6.92
N GLU A 24 4.13 -7.55 -7.56
CA GLU A 24 3.99 -7.52 -9.01
C GLU A 24 2.55 -7.29 -9.41
N HIS A 25 2.27 -6.10 -9.92
CA HIS A 25 0.92 -5.76 -10.33
C HIS A 25 0.93 -4.60 -11.34
N PRO A 26 0.02 -4.60 -12.30
CA PRO A 26 -0.07 -3.54 -13.33
C PRO A 26 -0.52 -2.20 -12.74
N GLY A 27 -1.37 -2.26 -11.72
CA GLY A 27 -1.85 -1.06 -11.07
C GLY A 27 -0.76 -0.41 -10.23
N ASN A 28 0.31 -1.16 -9.98
CA ASN A 28 1.42 -0.63 -9.19
C ASN A 28 2.41 0.10 -10.07
N TYR A 29 2.79 -0.52 -11.17
CA TYR A 29 3.75 0.08 -12.10
C TYR A 29 3.68 -0.56 -13.48
N ASP A 30 3.40 -1.84 -13.50
CA ASP A 30 3.30 -2.59 -14.77
C ASP A 30 4.65 -2.60 -15.49
N TYR A 31 5.60 -3.37 -14.97
CA TYR A 31 6.92 -3.46 -15.58
C TYR A 31 7.52 -2.08 -15.75
N PCA A 1 -5.98 9.80 7.01
CA PCA A 1 -4.70 9.07 7.18
CB PCA A 1 -5.08 7.64 7.54
CG PCA A 1 -6.60 7.62 7.54
CD PCA A 1 -6.95 8.92 7.23
OE PCA A 1 -8.13 9.26 7.15
C PCA A 1 -3.96 9.10 6.01
O PCA A 1 -4.14 8.19 5.16
H1 PCA A 1 -6.09 10.76 6.77
HA PCA A 1 -4.12 9.52 7.99
HB2 PCA A 1 -4.68 6.95 6.79
HB3 PCA A 1 -4.70 7.39 8.53
HG2 PCA A 1 -6.97 7.35 8.53
HG3 PCA A 1 -6.97 6.93 6.78
N TRP A 2 -3.08 10.10 5.85
CA TRP A 2 -2.27 10.19 4.64
C TRP A 2 -1.25 9.06 4.60
N CYS A 3 -1.16 8.39 3.45
CA CYS A 3 -0.23 7.28 3.28
C CYS A 3 0.75 7.57 2.14
N GLN A 4 1.94 7.00 2.23
CA GLN A 4 2.95 7.19 1.20
C GLN A 4 2.78 6.18 0.07
N PRO A 5 3.46 6.37 -1.04
CA PRO A 5 3.38 5.44 -2.21
C PRO A 5 3.77 4.01 -1.84
N GLY A 6 3.03 3.05 -2.36
CA GLY A 6 3.31 1.64 -2.08
C GLY A 6 2.72 1.21 -0.74
N TYR A 7 2.07 2.15 -0.05
CA TYR A 7 1.46 1.86 1.24
C TYR A 7 -0.03 2.18 1.21
N ALA A 8 -0.74 1.70 2.22
CA ALA A 8 -2.17 1.94 2.31
C ALA A 8 -2.59 2.09 3.77
N TYR A 9 -3.44 3.06 4.03
CA TYR A 9 -3.91 3.30 5.40
C TYR A 9 -4.39 2.00 6.03
N ASN A 10 -4.02 1.79 7.29
CA ASN A 10 -4.42 0.58 7.99
C ASN A 10 -5.26 0.94 9.24
N PRO A 11 -6.57 1.05 9.09
CA PRO A 11 -7.48 1.39 10.22
C PRO A 11 -7.53 0.29 11.27
N VAL A 12 -6.77 -0.78 11.05
CA VAL A 12 -6.75 -1.90 11.99
C VAL A 12 -5.47 -1.87 12.82
N LEU A 13 -4.48 -1.16 12.32
CA LEU A 13 -3.21 -1.04 13.02
C LEU A 13 -3.07 0.38 13.57
N GLY A 14 -3.46 1.38 12.77
CA GLY A 14 -3.38 2.77 13.18
C GLY A 14 -2.50 3.62 12.26
N ILE A 15 -1.91 2.99 11.24
CA ILE A 15 -1.05 3.70 10.29
C ILE A 15 -1.11 3.04 8.92
N CYS A 16 -0.25 3.49 8.01
CA CYS A 16 -0.22 2.93 6.67
C CYS A 16 0.78 1.78 6.61
N THR A 17 0.41 0.76 5.84
CA THR A 17 1.27 -0.41 5.68
C THR A 17 1.47 -0.73 4.21
N ILE A 18 2.58 -1.39 3.90
CA ILE A 18 2.87 -1.75 2.53
C ILE A 18 1.74 -2.57 1.94
N THR A 19 1.29 -2.18 0.76
CA THR A 19 0.22 -2.90 0.09
C THR A 19 0.77 -4.05 -0.75
N LEU A 20 -0.10 -5.01 -1.07
CA LEU A 20 0.30 -6.14 -1.86
C LEU A 20 0.74 -5.71 -3.26
N SER A 21 0.19 -4.59 -3.70
CA SER A 21 0.53 -4.07 -5.03
C SER A 21 2.03 -3.84 -5.14
N ARG A 22 2.64 -3.40 -4.05
CA ARG A 22 4.08 -3.14 -4.05
C ARG A 22 4.82 -4.26 -4.77
N ILE A 23 4.29 -5.47 -4.68
CA ILE A 23 4.92 -6.62 -5.33
C ILE A 23 4.40 -6.78 -6.75
N GLU A 24 3.43 -7.68 -6.93
CA GLU A 24 2.86 -7.92 -8.26
C GLU A 24 1.40 -8.39 -8.14
N HIS A 25 0.51 -7.49 -7.76
CA HIS A 25 -0.90 -7.83 -7.62
C HIS A 25 -1.78 -6.66 -8.06
N PRO A 26 -1.80 -6.37 -9.34
CA PRO A 26 -2.62 -5.25 -9.90
C PRO A 26 -4.11 -5.47 -9.70
N GLY A 27 -4.51 -6.73 -9.66
CA GLY A 27 -5.91 -7.08 -9.47
C GLY A 27 -6.45 -6.56 -8.14
N ASN A 28 -5.56 -6.41 -7.16
CA ASN A 28 -5.97 -5.92 -5.85
C ASN A 28 -6.56 -4.53 -5.95
N TYR A 29 -5.98 -3.69 -6.79
CA TYR A 29 -6.46 -2.32 -6.97
C TYR A 29 -6.98 -2.12 -8.39
N ASP A 30 -7.00 -3.20 -9.18
CA ASP A 30 -7.46 -3.13 -10.54
C ASP A 30 -6.79 -1.97 -11.27
N TYR A 31 -5.51 -1.79 -11.02
CA TYR A 31 -4.76 -0.70 -11.66
C TYR A 31 -3.33 -1.15 -11.95
N PCA A 1 -5.06 10.29 7.74
CA PCA A 1 -4.65 8.94 7.29
CB PCA A 1 -5.95 8.19 7.00
CG PCA A 1 -7.06 9.14 7.41
CD PCA A 1 -6.39 10.28 7.80
OE PCA A 1 -7.00 11.28 8.19
C PCA A 1 -3.88 9.01 6.13
O PCA A 1 -3.98 8.10 5.29
H1 PCA A 1 -4.47 11.05 7.95
HA PCA A 1 -4.09 8.44 8.08
HB2 PCA A 1 -6.03 7.96 5.94
HB3 PCA A 1 -6.00 7.28 7.59
HG2 PCA A 1 -7.62 8.72 8.25
HG3 PCA A 1 -7.72 9.34 6.57
N TRP A 2 -3.07 10.07 6.00
CA TRP A 2 -2.23 10.24 4.82
C TRP A 2 -1.23 9.08 4.73
N CYS A 3 -1.12 8.49 3.53
CA CYS A 3 -0.20 7.38 3.32
C CYS A 3 0.78 7.69 2.19
N GLN A 4 1.94 7.03 2.25
CA GLN A 4 2.96 7.21 1.24
C GLN A 4 2.77 6.20 0.10
N PRO A 5 3.45 6.42 -1.02
CA PRO A 5 3.36 5.50 -2.18
C PRO A 5 3.76 4.07 -1.83
N GLY A 6 3.02 3.11 -2.36
CA GLY A 6 3.30 1.71 -2.10
C GLY A 6 2.72 1.25 -0.77
N TYR A 7 2.04 2.15 -0.08
CA TYR A 7 1.42 1.83 1.22
C TYR A 7 -0.07 2.12 1.19
N ALA A 8 -0.77 1.60 2.17
CA ALA A 8 -2.21 1.81 2.26
C ALA A 8 -2.62 2.01 3.71
N TYR A 9 -3.47 3.00 3.95
CA TYR A 9 -3.93 3.29 5.30
C TYR A 9 -4.42 2.02 5.98
N ASN A 10 -4.02 1.84 7.23
CA ASN A 10 -4.41 0.66 7.98
C ASN A 10 -5.23 1.06 9.24
N PRO A 11 -6.55 1.06 9.16
CA PRO A 11 -7.44 1.43 10.29
C PRO A 11 -7.50 0.34 11.35
N VAL A 12 -6.79 -0.75 11.10
CA VAL A 12 -6.77 -1.87 12.04
C VAL A 12 -5.50 -1.85 12.85
N LEU A 13 -4.51 -1.12 12.35
CA LEU A 13 -3.22 -1.02 13.04
C LEU A 13 -3.07 0.40 13.59
N GLY A 14 -3.43 1.39 12.77
CA GLY A 14 -3.33 2.79 13.19
C GLY A 14 -2.45 3.64 12.25
N ILE A 15 -1.92 3.02 11.20
CA ILE A 15 -1.07 3.74 10.25
C ILE A 15 -1.14 3.07 8.88
N CYS A 16 -0.28 3.50 7.97
CA CYS A 16 -0.26 2.94 6.62
C CYS A 16 0.73 1.79 6.56
N THR A 17 0.37 0.75 5.82
CA THR A 17 1.22 -0.43 5.68
C THR A 17 1.42 -0.77 4.22
N ILE A 18 2.54 -1.41 3.91
CA ILE A 18 2.84 -1.78 2.56
C ILE A 18 1.69 -2.59 1.96
N THR A 19 1.39 -2.33 0.69
CA THR A 19 0.30 -3.04 0.01
C THR A 19 0.84 -4.21 -0.81
N LEU A 20 -0.06 -5.12 -1.18
CA LEU A 20 0.34 -6.29 -1.95
C LEU A 20 0.97 -5.87 -3.26
N SER A 21 0.72 -4.62 -3.67
CA SER A 21 1.28 -4.12 -4.92
C SER A 21 2.80 -4.16 -4.88
N ARG A 22 3.37 -3.73 -3.75
CA ARG A 22 4.82 -3.73 -3.59
C ARG A 22 5.33 -5.14 -3.33
N ILE A 23 4.49 -5.94 -2.68
CA ILE A 23 4.88 -7.32 -2.36
C ILE A 23 5.20 -8.10 -3.63
N GLU A 24 4.33 -7.98 -4.61
CA GLU A 24 4.50 -8.66 -5.88
C GLU A 24 4.01 -7.80 -7.03
N HIS A 25 4.25 -8.26 -8.27
CA HIS A 25 3.83 -7.53 -9.46
C HIS A 25 3.95 -6.02 -9.22
N PRO A 26 5.13 -5.56 -8.88
CA PRO A 26 5.37 -4.11 -8.61
C PRO A 26 5.05 -3.24 -9.82
N GLY A 27 5.18 -3.81 -11.01
CA GLY A 27 4.90 -3.09 -12.23
C GLY A 27 3.44 -2.66 -12.28
N ASN A 28 2.55 -3.54 -11.81
CA ASN A 28 1.13 -3.24 -11.81
C ASN A 28 0.67 -2.77 -13.19
N TYR A 29 1.20 -3.42 -14.23
CA TYR A 29 0.83 -3.07 -15.60
C TYR A 29 1.08 -1.58 -15.86
N ASP A 30 2.01 -1.00 -15.10
CA ASP A 30 2.33 0.40 -15.26
C ASP A 30 1.07 1.26 -15.31
N TYR A 31 0.07 0.87 -14.51
CA TYR A 31 -1.18 1.62 -14.48
C TYR A 31 -1.97 1.27 -13.22
N PCA A 1 -5.72 9.77 7.32
CA PCA A 1 -4.36 9.18 7.45
CB PCA A 1 -4.60 7.76 7.96
CG PCA A 1 -6.11 7.63 8.12
CD PCA A 1 -6.59 8.86 7.71
OE PCA A 1 -7.80 9.10 7.71
C PCA A 1 -3.71 9.16 6.23
O PCA A 1 -3.92 8.20 5.46
H1 PCA A 1 -5.92 10.70 7.00
HA PCA A 1 -3.79 9.75 8.19
HB2 PCA A 1 -4.23 7.04 7.23
HB3 PCA A 1 -4.11 7.61 8.92
HG2 PCA A 1 -6.36 7.44 9.16
HG3 PCA A 1 -6.49 6.83 7.48
N TRP A 2 -2.89 10.18 5.97
CA TRP A 2 -2.16 10.24 4.70
C TRP A 2 -1.14 9.10 4.62
N CYS A 3 -1.13 8.41 3.48
CA CYS A 3 -0.21 7.30 3.27
C CYS A 3 0.74 7.59 2.12
N GLN A 4 1.93 7.00 2.17
CA GLN A 4 2.92 7.22 1.12
C GLN A 4 2.75 6.18 0.00
N PRO A 5 3.43 6.37 -1.10
CA PRO A 5 3.34 5.42 -2.26
C PRO A 5 3.74 4.00 -1.84
N GLY A 6 3.01 3.02 -2.35
CA GLY A 6 3.30 1.63 -2.05
C GLY A 6 2.71 1.21 -0.70
N TYR A 7 2.03 2.16 -0.05
CA TYR A 7 1.42 1.89 1.25
C TYR A 7 -0.07 2.20 1.21
N ALA A 8 -0.79 1.71 2.20
CA ALA A 8 -2.21 1.94 2.29
C ALA A 8 -2.63 2.08 3.75
N TYR A 9 -3.50 3.05 4.03
CA TYR A 9 -3.94 3.26 5.38
C TYR A 9 -4.43 1.97 6.00
N ASN A 10 -4.06 1.76 7.26
CA ASN A 10 -4.44 0.55 7.98
C ASN A 10 -5.28 0.90 9.21
N PRO A 11 -6.58 1.00 9.07
CA PRO A 11 -7.49 1.34 10.20
C PRO A 11 -7.54 0.24 11.26
N VAL A 12 -6.77 -0.82 11.04
CA VAL A 12 -6.75 -1.93 11.99
C VAL A 12 -5.48 -1.89 12.83
N LEU A 13 -4.49 -1.16 12.33
CA LEU A 13 -3.23 -1.02 13.04
C LEU A 13 -3.09 0.40 13.58
N GLY A 14 -3.48 1.39 12.76
CA GLY A 14 -3.42 2.80 13.16
C GLY A 14 -2.52 3.63 12.22
N ILE A 15 -1.90 2.99 11.24
CA ILE A 15 -1.03 3.71 10.30
C ILE A 15 -1.08 3.06 8.93
N CYS A 16 -0.23 3.51 8.01
CA CYS A 16 -0.19 2.95 6.67
C CYS A 16 0.80 1.80 6.63
N THR A 17 0.43 0.78 5.87
CA THR A 17 1.29 -0.40 5.72
C THR A 17 1.48 -0.73 4.25
N ILE A 18 2.60 -1.39 3.95
CA ILE A 18 2.89 -1.76 2.57
C ILE A 18 1.76 -2.59 1.99
N THR A 19 1.33 -2.21 0.79
CA THR A 19 0.24 -2.92 0.13
C THR A 19 0.79 -4.06 -0.73
N LEU A 20 -0.07 -5.01 -1.08
CA LEU A 20 0.32 -6.15 -1.91
C LEU A 20 0.78 -5.68 -3.28
N SER A 21 0.30 -4.52 -3.68
CA SER A 21 0.64 -3.96 -4.98
C SER A 21 2.15 -3.92 -5.16
N ARG A 22 2.87 -3.61 -4.08
CA ARG A 22 4.32 -3.54 -4.14
C ARG A 22 4.90 -4.84 -4.65
N ILE A 23 4.32 -5.96 -4.22
CA ILE A 23 4.80 -7.26 -4.67
C ILE A 23 5.03 -7.26 -6.17
N GLU A 24 4.04 -7.71 -6.92
CA GLU A 24 4.14 -7.76 -8.36
C GLU A 24 2.79 -7.47 -9.01
N HIS A 25 2.04 -6.52 -8.44
CA HIS A 25 0.73 -6.19 -8.99
C HIS A 25 0.56 -4.67 -9.09
N PRO A 26 1.42 -4.02 -9.82
CA PRO A 26 1.36 -2.54 -10.01
C PRO A 26 0.24 -2.10 -10.95
N GLY A 27 -0.26 -3.05 -11.75
CA GLY A 27 -1.32 -2.76 -12.70
C GLY A 27 -2.55 -2.21 -12.00
N ASN A 28 -2.84 -2.76 -10.84
CA ASN A 28 -3.99 -2.31 -10.06
C ASN A 28 -3.86 -0.84 -9.71
N TYR A 29 -2.64 -0.40 -9.42
CA TYR A 29 -2.39 0.99 -9.04
C TYR A 29 -1.54 1.71 -10.09
N ASP A 30 -1.70 1.31 -11.36
CA ASP A 30 -0.94 1.93 -12.43
C ASP A 30 -1.73 3.09 -13.05
N TYR A 31 -2.87 3.42 -12.43
CA TYR A 31 -3.70 4.50 -12.93
C TYR A 31 -2.85 5.68 -13.38
N PCA A 1 -6.22 10.09 6.53
CA PCA A 1 -4.94 9.39 6.84
CB PCA A 1 -5.34 7.96 7.21
CG PCA A 1 -6.85 7.90 7.01
CD PCA A 1 -7.18 9.19 6.62
OE PCA A 1 -8.34 9.50 6.35
C PCA A 1 -4.09 9.39 5.75
O PCA A 1 -4.19 8.45 4.93
H1 PCA A 1 -6.32 11.06 6.30
HA PCA A 1 -4.46 9.87 7.69
HB2 PCA A 1 -4.84 7.26 6.55
HB3 PCA A 1 -5.09 7.76 8.25
HG2 PCA A 1 -7.34 7.66 7.94
HG3 PCA A 1 -7.10 7.18 6.23
N TRP A 2 -3.24 10.41 5.62
CA TRP A 2 -2.31 10.49 4.50
C TRP A 2 -1.30 9.35 4.56
N CYS A 3 -1.14 8.64 3.45
CA CYS A 3 -0.20 7.53 3.37
C CYS A 3 0.81 7.72 2.24
N GLN A 4 2.02 7.19 2.45
CA GLN A 4 3.07 7.28 1.48
C GLN A 4 2.79 6.35 0.31
N PRO A 5 3.42 6.58 -0.81
CA PRO A 5 3.24 5.75 -2.03
C PRO A 5 3.71 4.32 -1.81
N GLY A 6 2.93 3.37 -2.33
CA GLY A 6 3.27 1.97 -2.19
C GLY A 6 2.67 1.39 -0.91
N TYR A 7 2.10 2.27 -0.07
CA TYR A 7 1.49 1.86 1.17
C TYR A 7 0.00 2.13 1.15
N ALA A 8 -0.71 1.57 2.12
CA ALA A 8 -2.15 1.76 2.23
C ALA A 8 -2.56 1.97 3.67
N TYR A 9 -3.40 2.96 3.90
CA TYR A 9 -3.86 3.26 5.25
C TYR A 9 -4.37 2.00 5.93
N ASN A 10 -3.98 1.80 7.19
CA ASN A 10 -4.41 0.64 7.94
C ASN A 10 -5.21 1.04 9.19
N PRO A 11 -6.53 1.06 9.11
CA PRO A 11 -7.41 1.45 10.26
C PRO A 11 -7.50 0.35 11.31
N VAL A 12 -6.80 -0.75 11.06
CA VAL A 12 -6.81 -1.88 11.99
C VAL A 12 -5.53 -1.89 12.80
N LEU A 13 -4.52 -1.18 12.30
CA LEU A 13 -3.24 -1.10 12.98
C LEU A 13 -3.05 0.31 13.55
N GLY A 14 -3.39 1.33 12.74
CA GLY A 14 -3.26 2.73 13.16
C GLY A 14 -2.35 3.54 12.24
N ILE A 15 -1.83 2.92 11.18
CA ILE A 15 -0.95 3.61 10.25
C ILE A 15 -1.02 2.97 8.88
N CYS A 16 -0.18 3.43 7.95
CA CYS A 16 -0.16 2.87 6.61
C CYS A 16 0.80 1.69 6.54
N THR A 17 0.37 0.66 5.81
CA THR A 17 1.19 -0.55 5.66
C THR A 17 1.40 -0.86 4.19
N ILE A 18 2.49 -1.54 3.88
CA ILE A 18 2.79 -1.89 2.51
C ILE A 18 1.66 -2.73 1.91
N THR A 19 1.24 -2.38 0.71
CA THR A 19 0.17 -3.10 0.04
C THR A 19 0.72 -4.32 -0.70
N LEU A 20 -0.12 -5.33 -0.85
CA LEU A 20 0.28 -6.56 -1.54
C LEU A 20 0.75 -6.24 -2.95
N SER A 21 0.22 -5.16 -3.52
CA SER A 21 0.59 -4.77 -4.87
C SER A 21 2.09 -4.55 -4.97
N ARG A 22 2.65 -3.86 -3.99
CA ARG A 22 4.08 -3.60 -3.96
C ARG A 22 4.84 -4.88 -3.67
N ILE A 23 4.26 -5.73 -2.83
CA ILE A 23 4.91 -6.99 -2.46
C ILE A 23 5.16 -7.85 -3.69
N GLU A 24 4.13 -8.02 -4.49
CA GLU A 24 4.24 -8.83 -5.71
C GLU A 24 3.16 -8.44 -6.72
N HIS A 25 3.00 -9.26 -7.73
CA HIS A 25 2.00 -9.00 -8.78
C HIS A 25 2.26 -7.66 -9.45
N PRO A 26 3.45 -7.44 -9.99
CA PRO A 26 3.82 -6.16 -10.68
C PRO A 26 2.89 -5.85 -11.84
N GLY A 27 2.54 -6.89 -12.61
CA GLY A 27 1.67 -6.73 -13.76
C GLY A 27 0.25 -6.34 -13.35
N ASN A 28 -0.23 -6.94 -12.26
CA ASN A 28 -1.58 -6.66 -11.79
C ASN A 28 -1.73 -5.20 -11.41
N TYR A 29 -0.71 -4.64 -10.78
CA TYR A 29 -0.74 -3.24 -10.37
C TYR A 29 0.27 -2.41 -11.17
N ASP A 30 0.81 -3.01 -12.22
CA ASP A 30 1.79 -2.32 -13.04
C ASP A 30 2.87 -1.69 -12.18
N TYR A 31 3.36 -2.44 -11.20
CA TYR A 31 4.41 -1.95 -10.32
C TYR A 31 5.75 -2.58 -10.65
#